data_9E7D
#
_entry.id   9E7D
#
_cell.length_a   72.874
_cell.length_b   75.871
_cell.length_c   83.516
_cell.angle_alpha   63.170
_cell.angle_beta   71.850
_cell.angle_gamma   77.750
#
_symmetry.space_group_name_H-M   'P 1'
#
loop_
_entity.id
_entity.type
_entity.pdbx_description
1 polymer 'Rev response element SLIIc'
2 polymer 'BL3-6 Fab heavy chain'
3 polymer 'BL3-6 Fab light chain'
#
loop_
_entity_poly.entity_id
_entity_poly.type
_entity_poly.pdbx_seq_one_letter_code
_entity_poly.pdbx_strand_id
1 'polyribonucleotide' GGCACUAUGGGCGCAGCGUCAAUGACGCUGCCGGUACAGGCCAGACAAGAAACACUUGUCUGAUAUAGUGCC R,C
2 'polypeptide(L)'
;EISEVQLVESGGGLVQPGGSLRLSCAASGFYISYSSIHWVRQAPGKGLEWVASISPYSGSTYYADSVKGRFTISADTSKN
TAYLQMNSLRAEDTAVYYCARQGYRRRSGRGFDYWGQGTLVTVSSASTKGPSVFPLAPSSKSTSGGTAALGCLVKDYFPE
PVTVSWNSGALTSGVHTFPAVLQSSGLYSLSSVVTVPSSSLGTQTYICNVNHKPSNTKVDKKVEPKSCDKTHT
;
H,A
3 'polypeptide(L)'
;SDIQMTQSPSSLSASVGDRVTITCRASQSVSSAVAWYQQKPGKAPKLLIYSASSLYSGVPSRFSGSRSGTDFTLTISSLQ
PEDFATYYCQQSYSFPSTFGQGTKVEIKRTVAAPSVFIFPPSDEQLKSGTASVVCLLNNFYPREAKVQWKVDNALQSGNS
QESVTEQDSKDSTYSLSSTLTLSKADYEKHKVYACEVTHQGLSSPVTKSFNRGEC
;
L,B
#
loop_
_chem_comp.id
_chem_comp.type
_chem_comp.name
_chem_comp.formula
A RNA linking ADENOSINE-5'-MONOPHOSPHATE 'C10 H14 N5 O7 P'
C RNA linking CYTIDINE-5'-MONOPHOSPHATE 'C9 H14 N3 O8 P'
G RNA linking GUANOSINE-5'-MONOPHOSPHATE 'C10 H14 N5 O8 P'
U RNA linking URIDINE-5'-MONOPHOSPHATE 'C9 H13 N2 O9 P'
#
# COMPACT_ATOMS: atom_id res chain seq x y z
N SER C 3 -29.42 -3.74 -16.51
CA SER C 3 -28.78 -3.71 -17.82
C SER C 3 -29.16 -2.49 -18.68
N GLU C 4 -30.37 -1.96 -18.46
CA GLU C 4 -31.01 -0.96 -19.30
C GLU C 4 -30.74 0.50 -18.91
N VAL C 5 -29.94 0.77 -17.87
CA VAL C 5 -29.53 2.15 -17.63
C VAL C 5 -28.49 2.56 -18.67
N GLN C 6 -28.64 3.77 -19.21
CA GLN C 6 -27.65 4.25 -20.17
C GLN C 6 -27.63 5.75 -20.05
N LEU C 7 -26.46 6.34 -20.30
CA LEU C 7 -26.28 7.79 -20.27
C LEU C 7 -25.46 8.21 -21.47
N VAL C 8 -25.95 9.18 -22.23
CA VAL C 8 -25.36 9.53 -23.50
C VAL C 8 -25.02 11.02 -23.51
N GLU C 9 -23.75 11.36 -23.27
CA GLU C 9 -23.30 12.73 -23.43
C GLU C 9 -23.39 13.12 -24.87
N SER C 10 -23.49 14.41 -25.11
CA SER C 10 -23.48 14.87 -26.47
C SER C 10 -23.23 16.37 -26.51
N GLY C 11 -22.70 16.86 -27.65
CA GLY C 11 -22.52 18.28 -27.87
C GLY C 11 -21.14 18.89 -27.65
N GLY C 12 -20.13 18.12 -27.23
CA GLY C 12 -18.77 18.65 -27.11
C GLY C 12 -18.13 19.03 -28.46
N GLY C 13 -16.94 19.62 -28.39
CA GLY C 13 -16.27 20.01 -29.62
C GLY C 13 -15.09 20.92 -29.37
N LEU C 14 -14.59 21.47 -30.46
CA LEU C 14 -13.65 22.58 -30.39
C LEU C 14 -14.35 23.87 -29.98
N VAL C 15 -13.64 24.68 -29.20
CA VAL C 15 -14.11 25.99 -28.79
C VAL C 15 -12.91 26.83 -28.39
N GLN C 16 -12.92 28.05 -28.80
CA GLN C 16 -11.75 28.87 -28.61
C GLN C 16 -11.67 29.32 -27.18
N PRO C 17 -10.46 29.62 -26.70
CA PRO C 17 -10.32 30.05 -25.32
C PRO C 17 -11.20 31.26 -25.10
N GLY C 18 -11.85 31.27 -23.95
CA GLY C 18 -12.87 32.22 -23.61
C GLY C 18 -14.25 31.87 -24.13
N GLY C 19 -14.38 30.87 -24.99
CA GLY C 19 -15.67 30.53 -25.55
C GLY C 19 -16.47 29.61 -24.64
N SER C 20 -17.67 29.26 -25.10
CA SER C 20 -18.65 28.54 -24.29
C SER C 20 -19.22 27.34 -25.04
N LEU C 21 -19.59 26.30 -24.28
CA LEU C 21 -20.08 25.05 -24.89
C LEU C 21 -21.01 24.34 -23.90
N ARG C 22 -22.15 23.77 -24.37
CA ARG C 22 -23.10 23.12 -23.47
C ARG C 22 -23.19 21.63 -23.72
N LEU C 23 -22.69 20.83 -22.78
CA LEU C 23 -22.75 19.38 -22.89
C LEU C 23 -24.11 18.92 -22.44
N SER C 24 -24.52 17.79 -22.96
CA SER C 24 -25.80 17.21 -22.64
C SER C 24 -25.53 15.90 -21.97
N CYS C 25 -26.52 15.40 -21.26
CA CYS C 25 -26.38 14.06 -20.68
C CYS C 25 -27.77 13.42 -20.66
N ALA C 26 -28.08 12.65 -21.67
CA ALA C 26 -29.37 12.01 -21.81
C ALA C 26 -29.39 10.73 -20.99
N ALA C 27 -30.39 10.60 -20.12
CA ALA C 27 -30.59 9.36 -19.38
C ALA C 27 -31.64 8.48 -20.06
N SER C 28 -31.52 7.18 -19.82
CA SER C 28 -32.58 6.25 -20.15
C SER C 28 -32.37 5.02 -19.30
N GLY C 29 -33.47 4.32 -19.03
CA GLY C 29 -33.51 3.23 -18.08
C GLY C 29 -33.81 3.61 -16.62
N PHE C 30 -33.92 4.90 -16.30
CA PHE C 30 -34.21 5.30 -14.92
C PHE C 30 -34.66 6.76 -14.91
N TYR C 31 -35.44 7.10 -13.87
CA TYR C 31 -35.91 8.47 -13.70
C TYR C 31 -34.80 9.31 -13.10
N ILE C 32 -34.38 10.35 -13.81
CA ILE C 32 -33.17 11.05 -13.43
C ILE C 32 -33.34 11.84 -12.14
N SER C 33 -34.59 12.02 -11.70
CA SER C 33 -34.92 12.98 -10.64
C SER C 33 -34.47 12.53 -9.26
N TYR C 34 -34.41 11.23 -9.00
CA TYR C 34 -34.18 10.68 -7.66
C TYR C 34 -32.74 10.24 -7.47
N SER C 35 -31.81 10.63 -8.34
CA SER C 35 -30.41 10.33 -8.11
C SER C 35 -29.55 11.57 -8.38
N SER C 36 -28.36 11.58 -7.76
CA SER C 36 -27.38 12.64 -7.98
C SER C 36 -26.53 12.38 -9.23
N ILE C 37 -26.46 13.42 -10.08
CA ILE C 37 -25.81 13.37 -11.39
C ILE C 37 -24.59 14.27 -11.42
N HIS C 38 -23.47 13.72 -11.89
CA HIS C 38 -22.17 14.37 -11.91
C HIS C 38 -21.65 14.67 -13.32
N TRP C 39 -20.66 15.53 -13.35
CA TRP C 39 -19.75 15.66 -14.46
C TRP C 39 -18.35 15.39 -13.97
N VAL C 40 -17.65 14.51 -14.66
CA VAL C 40 -16.26 14.21 -14.38
C VAL C 40 -15.52 14.48 -15.68
N ARG C 41 -14.36 15.06 -15.57
CA ARG C 41 -13.55 15.24 -16.76
C ARG C 41 -12.23 14.49 -16.57
N GLN C 42 -11.62 14.19 -17.71
CA GLN C 42 -10.35 13.50 -17.78
C GLN C 42 -9.57 14.17 -18.88
N ALA C 43 -8.50 14.85 -18.51
CA ALA C 43 -7.64 15.49 -19.50
C ALA C 43 -6.97 14.44 -20.39
N PRO C 44 -6.57 14.82 -21.62
CA PRO C 44 -5.81 13.88 -22.44
C PRO C 44 -4.62 13.38 -21.65
N GLY C 45 -4.57 12.05 -21.48
CA GLY C 45 -3.48 11.37 -20.81
C GLY C 45 -3.47 11.49 -19.30
N LYS C 46 -4.32 12.32 -18.73
CA LYS C 46 -4.28 12.57 -17.30
C LYS C 46 -5.32 11.69 -16.64
N GLY C 47 -5.58 11.91 -15.36
CA GLY C 47 -6.58 11.15 -14.65
C GLY C 47 -7.94 11.82 -14.74
N LEU C 48 -8.86 11.26 -13.94
CA LEU C 48 -10.23 11.76 -13.82
C LEU C 48 -10.26 12.98 -12.91
N GLU C 49 -11.05 14.00 -13.26
CA GLU C 49 -11.11 15.18 -12.39
C GLU C 49 -12.58 15.49 -12.15
N TRP C 50 -13.01 15.35 -10.90
CA TRP C 50 -14.39 15.65 -10.55
C TRP C 50 -14.69 17.12 -10.81
N VAL C 51 -15.88 17.38 -11.31
CA VAL C 51 -16.16 18.74 -11.63
C VAL C 51 -17.40 19.15 -10.86
N ALA C 52 -18.50 18.45 -11.08
CA ALA C 52 -19.76 19.03 -10.67
C ALA C 52 -20.79 17.96 -10.35
N SER C 53 -21.82 18.39 -9.65
CA SER C 53 -22.84 17.46 -9.25
C SER C 53 -24.07 18.28 -8.94
N ILE C 54 -25.21 17.65 -9.14
CA ILE C 54 -26.49 18.20 -8.73
C ILE C 54 -27.27 17.03 -8.14
N SER C 55 -27.87 17.25 -6.97
CA SER C 55 -28.52 16.52 -5.90
C SER C 55 -30.00 16.26 -6.20
N PRO C 56 -30.53 15.11 -5.79
CA PRO C 56 -31.95 14.84 -6.03
C PRO C 56 -32.82 15.71 -5.15
N TYR C 57 -33.96 16.09 -5.70
CA TYR C 57 -35.05 16.73 -4.99
C TYR C 57 -34.74 18.15 -4.52
N SER C 58 -33.45 18.52 -4.47
CA SER C 58 -33.11 19.85 -3.98
C SER C 58 -32.59 20.75 -5.08
N GLY C 59 -31.98 20.19 -6.13
CA GLY C 59 -31.28 21.06 -7.03
C GLY C 59 -30.02 21.64 -6.41
N SER C 60 -29.56 21.06 -5.31
CA SER C 60 -28.28 21.50 -4.79
C SER C 60 -27.21 21.11 -5.78
N THR C 61 -26.38 22.08 -6.11
CA THR C 61 -25.32 21.94 -7.10
C THR C 61 -24.00 22.16 -6.36
N TYR C 62 -22.94 21.60 -6.91
CA TYR C 62 -21.61 21.74 -6.32
C TYR C 62 -20.56 21.85 -7.40
N TYR C 63 -19.46 22.50 -7.08
CA TYR C 63 -18.41 22.64 -8.07
C TYR C 63 -17.05 22.33 -7.47
N ALA C 64 -16.12 21.99 -8.34
CA ALA C 64 -14.71 21.97 -8.02
C ALA C 64 -14.14 23.38 -8.11
N ASP C 65 -13.06 23.61 -7.39
CA ASP C 65 -12.48 24.95 -7.38
C ASP C 65 -12.11 25.40 -8.79
N SER C 66 -11.53 24.50 -9.58
CA SER C 66 -10.93 24.90 -10.85
C SER C 66 -11.94 25.41 -11.86
N VAL C 67 -13.24 25.25 -11.59
CA VAL C 67 -14.27 25.64 -12.55
C VAL C 67 -15.31 26.59 -11.95
N LYS C 68 -15.26 26.76 -10.62
CA LYS C 68 -16.26 27.54 -9.91
C LYS C 68 -16.43 28.91 -10.55
N GLY C 69 -17.67 29.32 -10.73
CA GLY C 69 -17.97 30.62 -11.30
C GLY C 69 -17.94 30.67 -12.81
N ARG C 70 -17.71 29.55 -13.48
CA ARG C 70 -17.70 29.52 -14.93
C ARG C 70 -18.69 28.48 -15.45
N PHE C 71 -18.82 27.41 -14.72
CA PHE C 71 -19.61 26.27 -15.15
C PHE C 71 -20.96 26.29 -14.42
N THR C 72 -22.00 25.77 -15.09
CA THR C 72 -23.33 25.87 -14.53
C THR C 72 -24.04 24.53 -14.71
N ILE C 73 -23.98 23.66 -13.71
CA ILE C 73 -24.62 22.35 -13.85
C ILE C 73 -26.10 22.51 -13.54
N SER C 74 -26.92 21.74 -14.28
CA SER C 74 -28.38 21.82 -14.24
C SER C 74 -28.94 20.48 -14.67
N ALA C 75 -30.24 20.31 -14.47
CA ALA C 75 -30.98 19.17 -15.00
C ALA C 75 -32.29 19.71 -15.55
N ASP C 76 -32.91 18.93 -16.43
CA ASP C 76 -34.26 19.21 -16.91
C ASP C 76 -35.10 17.95 -16.85
N THR C 77 -35.86 17.73 -15.78
CA THR C 77 -36.49 16.43 -15.58
C THR C 77 -37.60 16.14 -16.56
N SER C 78 -38.15 17.16 -17.18
CA SER C 78 -39.09 16.86 -18.25
C SER C 78 -38.39 16.17 -19.41
N LYS C 79 -37.11 16.45 -19.60
CA LYS C 79 -36.30 15.86 -20.67
C LYS C 79 -35.44 14.70 -20.21
N ASN C 80 -35.46 14.34 -18.93
CA ASN C 80 -34.60 13.30 -18.37
C ASN C 80 -33.11 13.56 -18.65
N THR C 81 -32.71 14.82 -18.75
CA THR C 81 -31.38 15.20 -19.18
C THR C 81 -30.75 16.15 -18.16
N ALA C 82 -29.46 15.98 -17.97
CA ALA C 82 -28.64 16.91 -17.22
C ALA C 82 -27.80 17.71 -18.20
N TYR C 83 -27.25 18.81 -17.72
CA TYR C 83 -26.50 19.71 -18.58
C TYR C 83 -25.22 20.09 -17.87
N LEU C 84 -24.25 20.53 -18.65
CA LEU C 84 -23.11 21.28 -18.17
C LEU C 84 -22.89 22.47 -19.09
N GLN C 85 -23.25 23.64 -18.60
CA GLN C 85 -22.90 24.87 -19.27
C GLN C 85 -21.50 25.28 -18.85
N MET C 86 -20.62 25.47 -19.83
CA MET C 86 -19.22 25.87 -19.61
C MET C 86 -18.97 27.27 -20.15
N ASN C 87 -18.34 28.14 -19.35
CA ASN C 87 -18.10 29.53 -19.76
C ASN C 87 -16.69 29.98 -19.47
N SER C 88 -16.26 30.98 -20.25
CA SER C 88 -14.87 31.46 -20.30
C SER C 88 -13.91 30.27 -20.25
N LEU C 89 -14.00 29.42 -21.27
CA LEU C 89 -13.24 28.18 -21.30
C LEU C 89 -11.76 28.44 -21.53
N ARG C 90 -10.92 27.55 -21.00
CA ARG C 90 -9.48 27.70 -21.04
C ARG C 90 -8.81 26.50 -21.69
N ALA C 91 -7.56 26.73 -22.11
CA ALA C 91 -6.72 25.67 -22.66
C ALA C 91 -6.66 24.46 -21.73
N GLU C 92 -6.66 24.72 -20.42
CA GLU C 92 -6.66 23.65 -19.43
C GLU C 92 -7.94 22.83 -19.42
N ASP C 93 -9.05 23.37 -19.97
CA ASP C 93 -10.36 22.70 -19.94
C ASP C 93 -10.52 21.65 -21.04
N THR C 94 -9.52 21.48 -21.87
CA THR C 94 -9.48 20.41 -22.85
C THR C 94 -9.53 19.02 -22.18
N ALA C 95 -10.57 18.24 -22.50
CA ALA C 95 -10.76 16.92 -21.89
C ALA C 95 -11.90 16.18 -22.58
N VAL C 96 -12.00 14.91 -22.22
CA VAL C 96 -13.19 14.10 -22.40
C VAL C 96 -14.04 14.21 -21.13
N TYR C 97 -15.31 14.57 -21.28
CA TYR C 97 -16.20 14.80 -20.14
C TYR C 97 -17.21 13.65 -20.00
N TYR C 98 -17.23 13.05 -18.83
CA TYR C 98 -18.26 12.09 -18.47
C TYR C 98 -19.28 12.78 -17.57
N CYS C 99 -20.58 12.52 -17.79
CA CYS C 99 -21.58 12.68 -16.73
C CYS C 99 -21.75 11.31 -16.08
N ALA C 100 -22.09 11.28 -14.80
CA ALA C 100 -22.22 9.99 -14.12
C ALA C 100 -23.43 9.94 -13.19
N ARG C 101 -24.06 8.77 -13.10
CA ARG C 101 -25.10 8.58 -12.09
C ARG C 101 -24.48 7.97 -10.85
N GLN C 102 -24.55 8.70 -9.74
CA GLN C 102 -24.32 8.11 -8.43
C GLN C 102 -25.51 7.22 -8.11
N GLY C 103 -25.22 6.05 -7.58
CA GLY C 103 -26.24 5.03 -7.44
C GLY C 103 -27.33 5.40 -6.46
N TYR C 104 -28.16 4.40 -6.20
CA TYR C 104 -29.11 4.46 -5.10
C TYR C 104 -28.39 4.20 -3.79
N ARG C 105 -28.81 4.94 -2.74
CA ARG C 105 -28.04 4.98 -1.50
C ARG C 105 -27.91 3.58 -0.87
N ARG C 106 -28.99 2.83 -0.83
CA ARG C 106 -28.90 1.53 -0.18
C ARG C 106 -28.18 0.49 -1.02
N ARG C 107 -28.07 0.71 -2.34
CA ARG C 107 -27.55 -0.30 -3.26
C ARG C 107 -26.07 -0.11 -3.60
N SER C 108 -25.61 1.15 -3.74
CA SER C 108 -24.25 1.47 -4.18
C SER C 108 -23.66 2.66 -3.44
N GLY C 109 -24.15 2.94 -2.23
CA GLY C 109 -23.63 4.07 -1.47
C GLY C 109 -23.73 5.37 -2.24
N ARG C 110 -22.60 6.06 -2.31
CA ARG C 110 -22.39 7.23 -3.16
C ARG C 110 -21.51 6.89 -4.34
N GLY C 111 -21.33 5.59 -4.61
CA GLY C 111 -20.55 5.17 -5.75
C GLY C 111 -21.24 5.51 -7.06
N PHE C 112 -20.45 5.84 -8.06
CA PHE C 112 -20.97 6.17 -9.38
C PHE C 112 -21.09 4.87 -10.17
N ASP C 113 -22.33 4.38 -10.32
CA ASP C 113 -22.60 3.04 -10.86
C ASP C 113 -22.83 3.02 -12.37
N TYR C 114 -23.11 4.16 -12.99
CA TYR C 114 -23.23 4.25 -14.44
C TYR C 114 -22.58 5.54 -14.89
N TRP C 115 -21.75 5.48 -15.95
CA TRP C 115 -21.14 6.67 -16.54
C TRP C 115 -21.38 6.66 -18.03
N GLY C 116 -21.47 7.84 -18.63
CA GLY C 116 -21.53 7.95 -20.08
C GLY C 116 -20.23 7.58 -20.82
N GLN C 117 -20.30 7.54 -22.14
CA GLN C 117 -19.11 7.22 -22.91
C GLN C 117 -18.27 8.45 -23.21
N GLY C 118 -18.69 9.61 -22.74
CA GLY C 118 -17.88 10.80 -22.78
C GLY C 118 -17.98 11.53 -24.09
N THR C 119 -17.80 12.85 -24.01
CA THR C 119 -17.70 13.73 -25.15
C THR C 119 -16.36 14.43 -25.00
N LEU C 120 -15.78 14.78 -26.15
CA LEU C 120 -14.44 15.34 -26.21
C LEU C 120 -14.57 16.86 -26.32
N VAL C 121 -13.98 17.57 -25.36
CA VAL C 121 -13.96 19.02 -25.39
C VAL C 121 -12.52 19.45 -25.58
N THR C 122 -12.24 20.08 -26.71
CA THR C 122 -10.91 20.61 -27.04
C THR C 122 -11.04 22.12 -27.20
N VAL C 123 -10.19 22.85 -26.47
CA VAL C 123 -10.09 24.30 -26.46
C VAL C 123 -8.71 24.69 -26.97
N SER C 124 -8.68 25.48 -28.04
CA SER C 124 -7.41 26.04 -28.52
C SER C 124 -7.68 27.23 -29.41
N SER C 125 -6.69 28.14 -29.45
CA SER C 125 -6.64 29.23 -30.41
C SER C 125 -6.06 28.77 -31.75
N ALA C 126 -5.60 27.52 -31.84
CA ALA C 126 -5.01 26.96 -33.06
C ALA C 126 -6.03 26.75 -34.18
N SER C 127 -5.68 27.21 -35.37
CA SER C 127 -6.56 26.97 -36.48
C SER C 127 -6.31 25.55 -36.99
N THR C 128 -7.22 25.06 -37.82
CA THR C 128 -6.96 23.78 -38.46
C THR C 128 -5.77 23.94 -39.39
N LYS C 129 -4.89 22.95 -39.40
CA LYS C 129 -3.68 22.98 -40.22
C LYS C 129 -3.24 21.54 -40.51
N GLY C 130 -3.14 21.17 -41.80
CA GLY C 130 -2.66 19.87 -42.20
C GLY C 130 -1.20 19.65 -41.87
N PRO C 131 -0.77 18.40 -41.75
CA PRO C 131 0.60 18.13 -41.33
C PRO C 131 1.63 18.34 -42.43
N SER C 132 2.85 18.62 -42.00
CA SER C 132 4.02 18.32 -42.81
C SER C 132 4.48 16.90 -42.46
N VAL C 133 4.84 16.14 -43.48
CA VAL C 133 5.43 14.84 -43.28
C VAL C 133 6.87 14.94 -43.71
N PHE C 134 7.80 14.54 -42.86
CA PHE C 134 9.20 14.57 -43.21
C PHE C 134 9.73 13.17 -42.92
N PRO C 135 10.37 12.54 -43.88
CA PRO C 135 10.87 11.18 -43.67
C PRO C 135 11.90 11.13 -42.57
N LEU C 136 11.87 10.04 -41.83
CA LEU C 136 12.98 9.66 -40.95
C LEU C 136 13.71 8.57 -41.71
N ALA C 137 14.73 8.97 -42.49
CA ALA C 137 15.34 8.10 -43.47
C ALA C 137 16.11 6.98 -42.79
N PRO C 138 15.97 5.74 -43.23
CA PRO C 138 16.75 4.66 -42.64
C PRO C 138 18.20 4.73 -43.11
N SER C 139 19.08 4.16 -42.29
CA SER C 139 20.49 3.99 -42.64
C SER C 139 21.22 3.27 -41.52
N SER C 140 22.54 3.13 -41.67
CA SER C 140 23.37 3.02 -40.47
C SER C 140 23.06 4.21 -39.58
N LYS C 141 23.21 4.02 -38.25
CA LYS C 141 22.70 4.81 -37.12
C LYS C 141 21.24 4.45 -36.87
N SER C 142 20.61 3.66 -37.75
CA SER C 142 19.26 3.16 -37.55
C SER C 142 19.16 1.68 -37.90
N THR C 143 20.28 0.96 -37.85
CA THR C 143 20.33 -0.49 -38.07
C THR C 143 20.89 -1.15 -36.83
N SER C 144 20.19 -2.19 -36.35
CA SER C 144 20.65 -3.00 -35.22
C SER C 144 20.62 -4.42 -35.78
N GLY C 145 21.68 -4.78 -36.52
CA GLY C 145 21.84 -6.11 -37.10
C GLY C 145 21.04 -6.52 -38.33
N GLY C 146 20.06 -7.39 -38.11
CA GLY C 146 19.23 -7.89 -39.18
C GLY C 146 18.11 -6.95 -39.56
N THR C 147 17.85 -5.93 -38.74
CA THR C 147 16.71 -5.06 -38.91
C THR C 147 17.11 -3.59 -38.98
N ALA C 148 16.26 -2.79 -39.61
CA ALA C 148 16.42 -1.35 -39.66
C ALA C 148 15.16 -0.65 -39.16
N ALA C 149 15.35 0.54 -38.59
CA ALA C 149 14.23 1.38 -38.18
C ALA C 149 14.08 2.50 -39.19
N LEU C 150 12.85 2.80 -39.57
CA LEU C 150 12.62 3.93 -40.48
C LEU C 150 11.24 4.45 -40.19
N GLY C 151 10.92 5.64 -40.68
CA GLY C 151 9.64 6.20 -40.30
C GLY C 151 9.39 7.56 -40.90
N CYS C 152 8.29 8.18 -40.42
CA CYS C 152 7.86 9.52 -40.82
C CYS C 152 7.58 10.37 -39.60
N LEU C 153 7.83 11.66 -39.74
CA LEU C 153 7.46 12.68 -38.78
C LEU C 153 6.22 13.38 -39.31
N VAL C 154 5.12 13.35 -38.55
CA VAL C 154 3.91 14.10 -38.92
C VAL C 154 3.96 15.35 -38.06
N LYS C 155 4.17 16.49 -38.68
CA LYS C 155 4.68 17.63 -37.95
C LYS C 155 3.71 18.81 -38.12
N ASP C 156 3.34 19.41 -36.99
CA ASP C 156 2.63 20.70 -36.90
C ASP C 156 1.21 20.66 -37.48
N TYR C 157 0.38 19.77 -36.95
CA TYR C 157 -1.01 19.70 -37.39
C TYR C 157 -1.96 19.95 -36.21
N PHE C 158 -3.19 20.39 -36.56
CA PHE C 158 -4.28 20.64 -35.60
C PHE C 158 -5.60 20.61 -36.36
N PRO C 159 -6.62 19.95 -35.82
CA PRO C 159 -6.57 19.22 -34.56
C PRO C 159 -6.29 17.74 -34.71
N GLU C 160 -6.25 17.04 -33.58
CA GLU C 160 -6.20 15.59 -33.60
C GLU C 160 -7.40 15.07 -34.39
N PRO C 161 -7.33 13.87 -34.94
CA PRO C 161 -6.23 12.93 -34.97
C PRO C 161 -5.74 12.94 -36.39
N VAL C 162 -4.61 12.27 -36.64
CA VAL C 162 -4.24 11.84 -37.97
C VAL C 162 -4.32 10.31 -38.02
N THR C 163 -4.38 9.77 -39.24
CA THR C 163 -4.25 8.34 -39.44
C THR C 163 -2.96 8.09 -40.21
N VAL C 164 -2.16 7.14 -39.74
CA VAL C 164 -0.89 6.83 -40.37
C VAL C 164 -0.87 5.33 -40.64
N SER C 165 -0.74 4.97 -41.93
CA SER C 165 -0.66 3.61 -42.42
C SER C 165 0.55 3.47 -43.32
N TRP C 166 1.06 2.24 -43.44
CA TRP C 166 2.23 1.97 -44.28
C TRP C 166 1.92 1.09 -45.49
N ASN C 167 2.37 1.54 -46.66
CA ASN C 167 2.10 0.86 -47.92
C ASN C 167 0.59 0.64 -48.02
N SER C 168 -0.14 1.76 -47.87
CA SER C 168 -1.60 1.80 -48.00
C SER C 168 -2.24 0.65 -47.23
N GLY C 169 -1.70 0.37 -46.05
CA GLY C 169 -2.26 -0.62 -45.17
C GLY C 169 -1.64 -2.00 -45.28
N ALA C 170 -0.83 -2.23 -46.31
CA ALA C 170 -0.30 -3.58 -46.53
C ALA C 170 0.77 -3.98 -45.52
N LEU C 171 1.41 -3.01 -44.89
CA LEU C 171 2.47 -3.20 -43.91
C LEU C 171 1.92 -2.87 -42.52
N THR C 172 1.88 -3.87 -41.64
CA THR C 172 1.39 -3.40 -40.35
C THR C 172 2.24 -3.86 -39.20
N SER C 173 2.76 -5.08 -39.23
CA SER C 173 3.42 -5.58 -38.03
C SER C 173 4.80 -4.97 -37.87
N GLY C 174 5.16 -4.69 -36.62
CA GLY C 174 6.38 -3.99 -36.31
C GLY C 174 6.30 -2.47 -36.41
N VAL C 175 5.15 -1.94 -36.76
CA VAL C 175 4.97 -0.49 -36.81
C VAL C 175 4.66 -0.01 -35.38
N HIS C 176 5.05 1.22 -35.07
CA HIS C 176 4.56 1.95 -33.91
C HIS C 176 4.16 3.34 -34.38
N THR C 177 2.92 3.71 -34.18
CA THR C 177 2.59 5.12 -34.35
C THR C 177 2.49 5.71 -32.93
N PHE C 178 3.22 6.79 -32.70
CA PHE C 178 3.33 7.33 -31.35
C PHE C 178 2.20 8.32 -31.02
N PRO C 179 1.91 8.47 -29.73
CA PRO C 179 0.93 9.48 -29.29
C PRO C 179 1.33 10.86 -29.75
N ALA C 180 0.34 11.66 -30.10
CA ALA C 180 0.62 13.03 -30.49
C ALA C 180 1.17 13.76 -29.27
N VAL C 181 1.99 14.77 -29.49
CA VAL C 181 2.44 15.60 -28.39
C VAL C 181 2.11 17.03 -28.76
N LEU C 182 1.65 17.80 -27.78
CA LEU C 182 1.17 19.15 -28.08
C LEU C 182 2.36 20.08 -27.92
N GLN C 183 2.65 20.82 -29.00
CA GLN C 183 3.74 21.78 -29.02
C GLN C 183 3.22 23.13 -28.49
N SER C 184 4.12 23.88 -27.83
CA SER C 184 3.75 25.13 -27.18
C SER C 184 3.22 26.16 -28.19
N SER C 185 3.33 25.85 -29.48
CA SER C 185 2.65 26.58 -30.53
C SER C 185 1.18 26.24 -30.62
N GLY C 186 0.68 25.32 -29.81
CA GLY C 186 -0.72 24.93 -29.90
C GLY C 186 -1.05 23.89 -30.96
N LEU C 187 -0.05 23.42 -31.70
CA LEU C 187 -0.16 22.36 -32.69
C LEU C 187 0.32 21.04 -32.12
N TYR C 188 -0.14 19.97 -32.74
CA TYR C 188 0.32 18.63 -32.41
C TYR C 188 1.40 18.18 -33.40
N SER C 189 2.16 17.15 -33.02
CA SER C 189 3.18 16.56 -33.89
C SER C 189 3.54 15.16 -33.43
N LEU C 190 3.56 14.21 -34.34
CA LEU C 190 3.98 12.86 -33.99
C LEU C 190 4.87 12.28 -35.07
N SER C 191 5.51 11.18 -34.70
CA SER C 191 6.30 10.34 -35.58
C SER C 191 5.72 8.94 -35.51
N SER C 192 6.00 8.16 -36.57
CA SER C 192 5.68 6.74 -36.68
C SER C 192 6.89 6.02 -37.25
N VAL C 193 7.26 4.88 -36.65
CA VAL C 193 8.47 4.13 -37.00
C VAL C 193 8.07 2.71 -37.35
N VAL C 194 8.88 2.09 -38.22
CA VAL C 194 8.68 0.71 -38.67
C VAL C 194 10.04 0.01 -38.58
N THR C 195 10.08 -1.20 -38.04
CA THR C 195 11.30 -1.98 -38.11
C THR C 195 11.18 -3.05 -39.20
N VAL C 196 12.19 -3.14 -40.08
CA VAL C 196 12.21 -4.07 -41.21
C VAL C 196 13.54 -4.84 -41.21
N PRO C 197 13.57 -6.02 -41.84
CA PRO C 197 14.86 -6.68 -42.07
C PRO C 197 15.80 -5.82 -42.90
N SER C 198 17.03 -5.61 -42.41
CA SER C 198 17.95 -4.67 -43.05
C SER C 198 18.15 -4.94 -44.54
N SER C 199 18.26 -6.22 -44.93
CA SER C 199 18.51 -6.60 -46.32
C SER C 199 17.38 -6.20 -47.27
N SER C 200 16.25 -5.80 -46.73
CA SER C 200 15.14 -5.39 -47.56
C SER C 200 15.23 -3.93 -47.94
N LEU C 201 16.23 -3.22 -47.44
CA LEU C 201 16.29 -1.78 -47.66
C LEU C 201 16.51 -1.45 -49.14
N GLY C 202 17.28 -2.28 -49.82
CA GLY C 202 17.37 -2.13 -51.25
C GLY C 202 16.24 -2.82 -51.98
N THR C 203 15.59 -3.79 -51.35
CA THR C 203 14.65 -4.61 -52.09
C THR C 203 13.17 -4.27 -51.86
N GLN C 204 12.79 -3.57 -50.79
CA GLN C 204 11.37 -3.22 -50.66
C GLN C 204 11.20 -1.72 -50.47
N THR C 205 10.34 -1.11 -51.29
CA THR C 205 10.01 0.30 -51.13
C THR C 205 9.07 0.45 -49.93
N TYR C 206 9.09 1.62 -49.31
CA TYR C 206 8.26 1.90 -48.14
C TYR C 206 7.66 3.28 -48.20
N ILE C 207 6.36 3.42 -47.98
CA ILE C 207 5.68 4.72 -48.07
C ILE C 207 4.79 4.92 -46.84
N CYS C 208 4.99 6.03 -46.14
CA CYS C 208 4.06 6.40 -45.08
C CYS C 208 2.86 7.13 -45.66
N ASN C 209 1.68 6.71 -45.23
CA ASN C 209 0.40 7.27 -45.66
C ASN C 209 -0.20 7.99 -44.46
N VAL C 210 -0.21 9.33 -44.56
CA VAL C 210 -0.57 10.26 -43.51
C VAL C 210 -1.88 10.91 -43.90
N ASN C 211 -2.92 10.69 -43.09
CA ASN C 211 -4.24 11.18 -43.43
C ASN C 211 -4.76 12.02 -42.26
N HIS C 212 -5.17 13.25 -42.55
CA HIS C 212 -5.68 14.19 -41.54
C HIS C 212 -7.02 14.78 -41.98
N LYS C 213 -8.10 14.06 -41.74
CA LYS C 213 -9.40 14.44 -42.29
C LYS C 213 -9.80 15.87 -41.96
N PRO C 214 -9.63 16.39 -40.74
CA PRO C 214 -10.07 17.78 -40.45
C PRO C 214 -9.58 18.83 -41.45
N SER C 215 -8.33 18.75 -41.90
CA SER C 215 -7.78 19.63 -42.94
C SER C 215 -7.93 19.02 -44.33
N ASN C 216 -8.52 17.83 -44.43
CA ASN C 216 -8.79 17.16 -45.69
C ASN C 216 -7.53 17.12 -46.56
N THR C 217 -6.49 16.56 -45.98
CA THR C 217 -5.22 16.34 -46.67
C THR C 217 -4.82 14.89 -46.51
N LYS C 218 -4.38 14.31 -47.63
CA LYS C 218 -3.82 12.96 -47.67
C LYS C 218 -2.41 13.09 -48.23
N VAL C 219 -1.42 12.52 -47.52
CA VAL C 219 -0.02 12.68 -47.91
C VAL C 219 0.67 11.30 -47.89
N ASP C 220 1.37 10.99 -48.97
CA ASP C 220 2.22 9.80 -49.07
C ASP C 220 3.66 10.29 -49.17
N LYS C 221 4.50 9.80 -48.28
CA LYS C 221 5.92 10.12 -48.34
C LYS C 221 6.70 8.84 -48.55
N LYS C 222 7.43 8.78 -49.66
CA LYS C 222 8.34 7.66 -49.82
C LYS C 222 9.54 7.87 -48.91
N VAL C 223 9.84 6.88 -48.09
CA VAL C 223 11.00 6.92 -47.22
C VAL C 223 12.06 6.15 -47.97
N GLU C 224 13.20 6.80 -48.19
CA GLU C 224 14.33 6.20 -48.88
C GLU C 224 15.56 6.22 -48.00
N PRO C 225 16.40 5.20 -48.07
CA PRO C 225 17.60 5.14 -47.23
C PRO C 225 18.62 6.21 -47.57
N LYS C 226 19.46 6.52 -46.59
CA LYS C 226 20.68 7.31 -46.80
C LYS C 226 21.83 6.33 -46.75
N SER C 227 22.79 6.47 -47.69
CA SER C 227 23.87 5.51 -47.89
C SER C 227 25.22 6.23 -47.87
N CYS C 228 26.26 5.49 -47.50
CA CYS C 228 27.68 5.80 -47.84
C CYS C 228 28.59 4.76 -47.18
N SER D 1 -10.53 23.18 3.91
CA SER D 1 -9.56 22.66 2.96
C SER D 1 -10.20 21.51 2.20
N ASP D 2 -9.84 21.34 0.92
CA ASP D 2 -10.31 20.20 0.16
C ASP D 2 -9.51 18.97 0.56
N ILE D 3 -10.18 17.83 0.59
CA ILE D 3 -9.53 16.57 0.94
C ILE D 3 -8.57 16.16 -0.18
N GLN D 4 -7.39 15.67 0.21
CA GLN D 4 -6.43 15.13 -0.76
C GLN D 4 -6.51 13.61 -0.83
N MET D 5 -6.52 13.10 -2.06
CA MET D 5 -6.42 11.68 -2.36
C MET D 5 -5.17 11.44 -3.20
N THR D 6 -4.21 10.70 -2.63
CA THR D 6 -2.92 10.43 -3.27
C THR D 6 -2.68 8.92 -3.25
N GLN D 7 -2.45 8.33 -4.44
CA GLN D 7 -2.37 6.89 -4.59
C GLN D 7 -0.93 6.39 -4.65
N SER D 8 -0.76 5.11 -4.32
CA SER D 8 0.51 4.43 -4.38
C SER D 8 0.18 2.98 -4.67
N PRO D 9 0.87 2.32 -5.62
CA PRO D 9 1.91 2.87 -6.50
C PRO D 9 1.31 3.69 -7.63
N SER D 10 2.07 4.59 -8.25
CA SER D 10 1.53 5.30 -9.40
C SER D 10 1.46 4.37 -10.60
N SER D 11 2.35 3.38 -10.69
CA SER D 11 2.19 2.27 -11.62
C SER D 11 2.74 1.01 -10.96
N LEU D 12 2.24 -0.14 -11.40
CA LEU D 12 2.65 -1.40 -10.77
C LEU D 12 2.68 -2.46 -11.84
N SER D 13 3.81 -3.17 -11.94
CA SER D 13 3.97 -4.21 -12.93
C SER D 13 3.84 -5.56 -12.24
N ALA D 14 2.83 -6.32 -12.64
CA ALA D 14 2.54 -7.61 -12.04
C ALA D 14 2.08 -8.58 -13.12
N SER D 15 2.04 -9.86 -12.77
CA SER D 15 1.69 -10.93 -13.69
C SER D 15 0.42 -11.60 -13.22
N VAL D 16 -0.29 -12.27 -14.15
CA VAL D 16 -1.50 -12.98 -13.77
C VAL D 16 -1.21 -13.94 -12.62
N GLY D 17 -2.11 -13.97 -11.64
CA GLY D 17 -1.93 -14.70 -10.42
C GLY D 17 -1.34 -13.92 -9.27
N ASP D 18 -0.96 -12.66 -9.47
CA ASP D 18 -0.35 -11.89 -8.39
C ASP D 18 -1.39 -11.33 -7.44
N ARG D 19 -1.05 -11.35 -6.15
CA ARG D 19 -1.74 -10.54 -5.17
C ARG D 19 -1.27 -9.10 -5.33
N VAL D 20 -2.21 -8.23 -5.64
CA VAL D 20 -1.94 -6.83 -5.91
C VAL D 20 -2.71 -5.98 -4.92
N THR D 21 -2.05 -5.01 -4.28
CA THR D 21 -2.74 -4.09 -3.37
C THR D 21 -2.35 -2.65 -3.71
N ILE D 22 -3.35 -1.85 -4.04
CA ILE D 22 -3.15 -0.44 -4.36
C ILE D 22 -3.56 0.37 -3.15
N THR D 23 -2.71 1.27 -2.70
CA THR D 23 -3.04 2.02 -1.50
C THR D 23 -3.34 3.48 -1.84
N CYS D 24 -4.17 4.09 -0.99
CA CYS D 24 -4.67 5.45 -1.17
C CYS D 24 -5.04 6.05 0.18
N ARG D 25 -4.58 7.28 0.44
CA ARG D 25 -4.64 7.91 1.76
C ARG D 25 -5.26 9.31 1.67
N ALA D 26 -6.39 9.53 2.35
CA ALA D 26 -7.05 10.84 2.40
C ALA D 26 -6.41 11.81 3.39
N SER D 27 -6.40 13.11 3.04
CA SER D 27 -5.74 14.12 3.87
C SER D 27 -6.50 14.48 5.14
N GLN D 28 -7.78 14.13 5.23
CA GLN D 28 -8.55 14.26 6.45
C GLN D 28 -9.34 12.98 6.61
N SER D 29 -10.01 12.83 7.75
CA SER D 29 -10.94 11.73 7.89
C SER D 29 -12.02 11.87 6.82
N VAL D 30 -12.32 10.75 6.15
CA VAL D 30 -13.38 10.68 5.14
C VAL D 30 -14.35 9.54 5.46
N SER D 31 -14.25 9.02 6.69
CA SER D 31 -15.01 7.86 7.17
C SER D 31 -14.84 6.72 6.18
N SER D 32 -15.93 6.19 5.58
CA SER D 32 -15.86 5.17 4.52
C SER D 32 -16.42 5.66 3.18
N ALA D 33 -16.39 6.96 2.89
CA ALA D 33 -17.03 7.43 1.67
C ALA D 33 -16.05 7.37 0.50
N VAL D 34 -15.56 6.15 0.27
CA VAL D 34 -14.51 5.90 -0.72
C VAL D 34 -15.00 4.87 -1.73
N ALA D 35 -14.82 5.21 -3.03
CA ALA D 35 -15.21 4.41 -4.17
C ALA D 35 -13.97 4.04 -4.97
N TRP D 36 -13.97 2.83 -5.54
CA TRP D 36 -12.91 2.38 -6.45
C TRP D 36 -13.45 2.19 -7.86
N TYR D 37 -12.56 2.40 -8.83
CA TYR D 37 -12.85 2.25 -10.25
C TYR D 37 -11.74 1.52 -10.98
N GLN D 38 -12.15 0.87 -12.04
CA GLN D 38 -11.24 0.36 -13.07
C GLN D 38 -11.55 1.15 -14.34
N GLN D 39 -10.50 1.68 -14.97
CA GLN D 39 -10.66 2.31 -16.27
C GLN D 39 -9.67 1.69 -17.24
N LYS D 40 -10.18 1.24 -18.42
CA LYS D 40 -9.36 0.70 -19.50
C LYS D 40 -9.23 1.73 -20.61
N PRO D 41 -8.09 1.67 -21.34
CA PRO D 41 -7.74 2.76 -22.25
C PRO D 41 -8.81 2.94 -23.32
N GLY D 42 -9.31 4.17 -23.40
CA GLY D 42 -10.36 4.56 -24.31
C GLY D 42 -11.77 4.34 -23.83
N LYS D 43 -11.98 3.52 -22.80
CA LYS D 43 -13.32 3.25 -22.29
C LYS D 43 -13.55 3.99 -20.98
N ALA D 44 -14.83 4.05 -20.57
CA ALA D 44 -15.21 4.84 -19.41
C ALA D 44 -15.11 3.99 -18.15
N PRO D 45 -15.00 4.62 -16.98
CA PRO D 45 -14.70 3.88 -15.75
C PRO D 45 -15.77 2.89 -15.36
N LYS D 46 -15.39 1.94 -14.51
CA LYS D 46 -16.30 0.92 -14.03
C LYS D 46 -16.17 0.76 -12.52
N LEU D 47 -17.30 0.78 -11.83
CA LEU D 47 -17.25 0.82 -10.36
C LEU D 47 -16.88 -0.56 -9.84
N LEU D 48 -15.93 -0.59 -8.92
CA LEU D 48 -15.55 -1.83 -8.28
C LEU D 48 -16.00 -1.89 -6.83
N ILE D 49 -15.64 -0.90 -6.03
CA ILE D 49 -15.92 -0.92 -4.59
C ILE D 49 -16.58 0.40 -4.22
N TYR D 50 -17.64 0.32 -3.42
CA TYR D 50 -18.27 1.47 -2.78
C TYR D 50 -18.26 1.28 -1.27
N SER D 51 -18.46 2.40 -0.56
CA SER D 51 -18.37 2.38 0.90
C SER D 51 -17.09 1.68 1.34
N ALA D 52 -16.05 1.86 0.55
CA ALA D 52 -14.66 1.60 0.87
C ALA D 52 -14.42 0.12 1.08
N SER D 53 -15.50 -0.64 1.29
CA SER D 53 -15.36 -2.08 1.45
C SER D 53 -16.55 -2.84 0.90
N SER D 54 -17.53 -2.19 0.26
CA SER D 54 -18.67 -2.91 -0.26
C SER D 54 -18.39 -3.27 -1.71
N LEU D 55 -18.34 -4.57 -1.98
CA LEU D 55 -18.08 -5.04 -3.34
C LEU D 55 -19.29 -4.80 -4.22
N TYR D 56 -19.11 -3.94 -5.22
CA TYR D 56 -20.22 -3.49 -6.05
C TYR D 56 -20.85 -4.67 -6.77
N SER D 57 -22.16 -4.56 -7.02
CA SER D 57 -22.91 -5.67 -7.60
C SER D 57 -22.37 -6.06 -8.98
N GLY D 58 -22.11 -7.37 -9.16
CA GLY D 58 -21.60 -8.00 -10.36
C GLY D 58 -20.09 -7.98 -10.54
N VAL D 59 -19.34 -7.33 -9.65
CA VAL D 59 -17.88 -7.26 -9.76
C VAL D 59 -17.26 -8.51 -9.13
N PRO D 60 -16.34 -9.17 -9.83
CA PRO D 60 -15.81 -10.44 -9.31
C PRO D 60 -15.19 -10.32 -7.91
N SER D 61 -15.25 -11.43 -7.17
CA SER D 61 -14.82 -11.45 -5.78
C SER D 61 -13.31 -11.33 -5.57
N ARG D 62 -12.48 -11.46 -6.60
CA ARG D 62 -11.06 -11.26 -6.32
C ARG D 62 -10.74 -9.81 -5.95
N PHE D 63 -11.67 -8.90 -6.23
CA PHE D 63 -11.57 -7.51 -5.80
C PHE D 63 -12.13 -7.38 -4.39
N SER D 64 -11.46 -6.59 -3.57
CA SER D 64 -11.96 -6.31 -2.24
C SER D 64 -11.43 -4.96 -1.80
N GLY D 65 -12.16 -4.33 -0.90
CA GLY D 65 -11.78 -3.02 -0.43
C GLY D 65 -11.42 -3.11 1.03
N SER D 66 -10.69 -2.14 1.54
CA SER D 66 -10.23 -2.27 2.91
C SER D 66 -9.87 -0.89 3.44
N ARG D 67 -10.08 -0.69 4.75
CA ARG D 67 -9.87 0.62 5.35
C ARG D 67 -9.13 0.51 6.68
N SER D 68 -8.20 1.45 6.89
CA SER D 68 -7.68 1.74 8.23
C SER D 68 -7.55 3.26 8.34
N GLY D 69 -8.55 3.89 8.97
CA GLY D 69 -8.56 5.34 9.03
C GLY D 69 -8.62 5.92 7.63
N THR D 70 -7.65 6.77 7.30
CA THR D 70 -7.59 7.39 6.00
C THR D 70 -6.87 6.50 4.98
N ASP D 71 -6.48 5.28 5.38
CA ASP D 71 -5.80 4.34 4.51
C ASP D 71 -6.82 3.44 3.80
N PHE D 72 -6.82 3.52 2.47
CA PHE D 72 -7.69 2.70 1.66
C PHE D 72 -6.84 1.94 0.66
N THR D 73 -6.94 0.63 0.70
CA THR D 73 -6.20 -0.21 -0.21
C THR D 73 -7.22 -1.05 -0.96
N LEU D 74 -7.19 -0.99 -2.29
CA LEU D 74 -7.92 -1.95 -3.10
C LEU D 74 -6.98 -3.11 -3.43
N THR D 75 -7.42 -4.32 -3.10
CA THR D 75 -6.61 -5.50 -3.28
C THR D 75 -7.33 -6.50 -4.18
N ILE D 76 -6.57 -7.09 -5.11
CA ILE D 76 -7.04 -8.16 -5.99
C ILE D 76 -6.30 -9.42 -5.61
N SER D 77 -7.05 -10.43 -5.19
CA SER D 77 -6.44 -11.62 -4.62
C SER D 77 -5.53 -12.32 -5.63
N SER D 78 -5.99 -12.46 -6.87
CA SER D 78 -5.25 -13.23 -7.86
C SER D 78 -5.50 -12.62 -9.23
N LEU D 79 -4.50 -11.89 -9.73
CA LEU D 79 -4.67 -11.11 -10.94
C LEU D 79 -5.12 -11.97 -12.11
N GLN D 80 -6.11 -11.49 -12.85
CA GLN D 80 -6.51 -12.13 -14.09
C GLN D 80 -6.19 -11.24 -15.28
N PRO D 81 -6.12 -11.80 -16.50
CA PRO D 81 -5.65 -11.01 -17.67
C PRO D 81 -6.45 -9.76 -18.01
N GLU D 82 -7.75 -9.72 -17.72
CA GLU D 82 -8.57 -8.55 -18.04
C GLU D 82 -8.48 -7.47 -16.97
N ASP D 83 -7.66 -7.65 -15.96
CA ASP D 83 -7.48 -6.66 -14.91
C ASP D 83 -6.46 -5.59 -15.25
N PHE D 84 -5.62 -5.78 -16.27
CA PHE D 84 -4.57 -4.82 -16.54
C PHE D 84 -5.20 -3.52 -17.05
N ALA D 85 -5.10 -2.48 -16.23
CA ALA D 85 -5.87 -1.25 -16.38
C ALA D 85 -5.45 -0.22 -15.34
N THR D 86 -6.15 0.90 -15.33
CA THR D 86 -5.92 1.96 -14.37
C THR D 86 -6.94 1.80 -13.23
N TYR D 87 -6.54 2.16 -12.00
CA TYR D 87 -7.45 2.11 -10.86
C TYR D 87 -7.55 3.43 -10.13
N TYR D 88 -8.71 3.68 -9.59
CA TYR D 88 -8.96 4.94 -8.94
C TYR D 88 -9.60 4.75 -7.57
N CYS D 89 -9.13 5.51 -6.57
CA CYS D 89 -9.90 5.80 -5.38
C CYS D 89 -10.56 7.16 -5.53
N GLN D 90 -11.69 7.30 -4.86
CA GLN D 90 -12.48 8.52 -4.80
C GLN D 90 -13.06 8.65 -3.40
N GLN D 91 -13.02 9.87 -2.85
CA GLN D 91 -13.76 10.21 -1.63
C GLN D 91 -15.06 10.92 -2.02
N SER D 92 -16.16 10.45 -1.44
CA SER D 92 -17.42 11.15 -1.55
C SER D 92 -17.89 11.54 -0.16
N TYR D 93 -16.92 11.80 0.72
CA TYR D 93 -17.21 12.23 2.08
C TYR D 93 -17.70 13.65 2.14
N SER D 94 -17.13 14.55 1.32
CA SER D 94 -17.61 15.93 1.30
C SER D 94 -17.45 16.47 -0.09
N PHE D 95 -18.27 17.45 -0.43
CA PHE D 95 -17.99 18.21 -1.65
C PHE D 95 -16.92 19.27 -1.32
N PRO D 96 -15.97 19.56 -2.25
CA PRO D 96 -15.79 18.97 -3.58
C PRO D 96 -15.22 17.54 -3.50
N SER D 97 -15.56 16.72 -4.50
CA SER D 97 -15.13 15.35 -4.47
C SER D 97 -13.71 15.25 -5.05
N THR D 98 -13.01 14.19 -4.70
CA THR D 98 -11.61 14.09 -5.06
C THR D 98 -11.29 12.68 -5.50
N PHE D 99 -10.58 12.58 -6.62
CA PHE D 99 -10.01 11.33 -7.10
C PHE D 99 -8.51 11.27 -6.86
N GLY D 100 -8.02 10.05 -6.64
CA GLY D 100 -6.58 9.83 -6.68
C GLY D 100 -6.03 10.00 -8.08
N GLN D 101 -4.71 10.16 -8.17
CA GLN D 101 -4.15 10.42 -9.49
C GLN D 101 -4.16 9.17 -10.39
N GLY D 102 -4.27 7.96 -9.82
CA GLY D 102 -4.32 6.70 -10.57
C GLY D 102 -3.11 5.77 -10.55
N THR D 103 -3.38 4.46 -10.43
CA THR D 103 -2.37 3.42 -10.44
C THR D 103 -2.61 2.54 -11.64
N LYS D 104 -1.70 2.61 -12.60
CA LYS D 104 -1.74 1.80 -13.81
C LYS D 104 -1.07 0.45 -13.52
N VAL D 105 -1.71 -0.63 -13.95
CA VAL D 105 -1.18 -1.96 -13.74
C VAL D 105 -0.75 -2.54 -15.09
N GLU D 106 0.55 -2.79 -15.24
CA GLU D 106 1.20 -3.24 -16.48
C GLU D 106 1.71 -4.67 -16.28
N ILE D 107 2.01 -5.37 -17.40
CA ILE D 107 2.36 -6.79 -17.37
C ILE D 107 3.86 -6.95 -17.14
N LYS D 108 4.22 -7.69 -16.10
CA LYS D 108 5.61 -7.90 -15.77
C LYS D 108 6.18 -8.99 -16.66
N ARG D 109 7.34 -8.71 -17.27
CA ARG D 109 8.06 -9.66 -18.11
C ARG D 109 9.55 -9.51 -17.89
N THR D 110 10.33 -10.31 -18.60
CA THR D 110 11.77 -10.31 -18.42
C THR D 110 12.34 -8.98 -18.87
N VAL D 111 13.46 -8.60 -18.26
CA VAL D 111 14.06 -7.32 -18.64
C VAL D 111 14.49 -7.44 -20.09
N ALA D 112 14.21 -6.39 -20.86
CA ALA D 112 14.56 -6.36 -22.27
C ALA D 112 15.24 -5.03 -22.53
N ALA D 113 16.42 -5.05 -23.11
CA ALA D 113 17.10 -3.78 -23.30
C ALA D 113 16.62 -3.08 -24.57
N PRO D 114 16.59 -1.75 -24.58
CA PRO D 114 16.17 -1.02 -25.79
C PRO D 114 17.16 -1.19 -26.94
N SER D 115 16.64 -1.26 -28.17
CA SER D 115 17.45 -0.93 -29.34
C SER D 115 17.29 0.55 -29.67
N VAL D 116 18.41 1.25 -29.81
CA VAL D 116 18.43 2.71 -29.93
C VAL D 116 18.75 3.07 -31.38
N PHE D 117 17.96 3.99 -31.92
CA PHE D 117 18.11 4.46 -33.28
C PHE D 117 18.01 5.96 -33.20
N ILE D 118 18.70 6.68 -34.08
CA ILE D 118 18.59 8.14 -34.11
C ILE D 118 18.39 8.60 -35.54
N PHE D 119 17.73 9.71 -35.70
CA PHE D 119 17.48 10.11 -37.08
C PHE D 119 17.75 11.60 -37.21
N PRO D 120 18.73 11.99 -38.00
CA PRO D 120 18.97 13.42 -38.28
C PRO D 120 17.82 14.04 -39.06
N PRO D 121 17.72 15.37 -39.08
CA PRO D 121 16.59 16.03 -39.78
C PRO D 121 16.60 15.82 -41.28
N SER D 122 15.42 15.86 -41.87
CA SER D 122 15.33 15.71 -43.31
C SER D 122 15.88 16.94 -44.01
N ASP D 123 16.30 16.73 -45.27
CA ASP D 123 16.59 17.86 -46.14
C ASP D 123 15.31 18.65 -46.38
N GLU D 124 14.17 17.96 -46.47
CA GLU D 124 12.89 18.64 -46.61
C GLU D 124 12.55 19.55 -45.43
N GLN D 125 12.69 19.03 -44.19
CA GLN D 125 12.32 19.87 -43.03
C GLN D 125 13.29 21.03 -42.87
N LEU D 126 14.60 20.77 -43.01
CA LEU D 126 15.58 21.82 -42.86
C LEU D 126 15.31 22.94 -43.84
N LYS D 127 14.82 22.60 -45.03
CA LYS D 127 14.40 23.63 -45.99
C LYS D 127 13.31 24.51 -45.39
N SER D 128 12.53 23.98 -44.44
CA SER D 128 11.42 24.77 -43.92
C SER D 128 11.87 25.78 -42.87
N GLY D 129 13.13 25.67 -42.41
CA GLY D 129 13.64 26.52 -41.36
C GLY D 129 13.65 25.87 -39.99
N THR D 130 13.19 24.64 -39.88
CA THR D 130 13.13 23.92 -38.62
C THR D 130 13.99 22.67 -38.71
N ALA D 131 14.51 22.22 -37.57
CA ALA D 131 15.25 20.97 -37.52
C ALA D 131 14.75 20.12 -36.35
N SER D 132 14.24 18.93 -36.63
CA SER D 132 13.77 18.06 -35.57
C SER D 132 14.63 16.81 -35.61
N VAL D 133 15.21 16.47 -34.47
CA VAL D 133 16.12 15.34 -34.34
C VAL D 133 15.51 14.28 -33.47
N VAL D 134 15.30 13.09 -34.03
CA VAL D 134 14.46 12.05 -33.44
C VAL D 134 15.29 10.88 -32.96
N CYS D 135 15.04 10.45 -31.74
CA CYS D 135 15.67 9.26 -31.17
C CYS D 135 14.58 8.27 -30.82
N LEU D 136 14.69 7.03 -31.33
CA LEU D 136 13.75 5.94 -31.03
C LEU D 136 14.43 4.90 -30.16
N LEU D 137 13.75 4.51 -29.08
CA LEU D 137 14.14 3.38 -28.24
C LEU D 137 13.06 2.33 -28.41
N ASN D 138 13.44 1.14 -28.85
CA ASN D 138 12.51 0.15 -29.36
C ASN D 138 12.42 -1.09 -28.49
N ASN D 139 11.19 -1.41 -28.06
CA ASN D 139 10.84 -2.73 -27.54
C ASN D 139 11.67 -3.12 -26.31
N PHE D 140 11.44 -2.35 -25.26
CA PHE D 140 12.10 -2.49 -23.97
C PHE D 140 11.06 -2.73 -22.87
N TYR D 141 11.57 -3.17 -21.72
CA TYR D 141 10.83 -3.34 -20.49
C TYR D 141 11.84 -3.30 -19.37
N PRO D 142 11.57 -2.60 -18.25
CA PRO D 142 10.36 -1.84 -17.92
C PRO D 142 10.29 -0.48 -18.60
N ARG D 143 9.27 0.32 -18.28
CA ARG D 143 9.02 1.59 -18.98
C ARG D 143 10.06 2.65 -18.65
N GLU D 144 10.60 2.62 -17.43
CA GLU D 144 11.46 3.70 -16.92
C GLU D 144 12.75 3.85 -17.74
N ALA D 145 13.02 5.07 -18.21
CA ALA D 145 14.06 5.26 -19.20
C ALA D 145 14.47 6.73 -19.29
N LYS D 146 15.78 7.01 -19.16
CA LYS D 146 16.31 8.36 -19.35
C LYS D 146 16.80 8.56 -20.79
N VAL D 147 16.24 9.57 -21.45
CA VAL D 147 16.67 10.05 -22.76
C VAL D 147 17.33 11.43 -22.54
N GLN D 148 18.61 11.56 -22.90
CA GLN D 148 19.34 12.79 -22.63
C GLN D 148 20.03 13.22 -23.91
N TRP D 149 19.63 14.38 -24.45
CA TRP D 149 20.18 14.90 -25.70
C TRP D 149 21.38 15.81 -25.42
N LYS D 150 22.44 15.62 -26.21
CA LYS D 150 23.66 16.43 -26.12
C LYS D 150 23.95 17.01 -27.51
N VAL D 151 24.28 18.30 -27.54
CA VAL D 151 24.69 18.98 -28.76
C VAL D 151 26.07 19.52 -28.48
N ASP D 152 27.09 18.89 -29.08
CA ASP D 152 28.46 19.20 -28.77
C ASP D 152 28.70 19.07 -27.26
N ASN D 153 28.21 17.95 -26.69
CA ASN D 153 28.38 17.50 -25.30
C ASN D 153 27.59 18.30 -24.28
N ALA D 154 26.92 19.37 -24.71
CA ALA D 154 26.08 20.13 -23.80
C ALA D 154 24.75 19.42 -23.60
N LEU D 155 24.42 19.13 -22.34
CA LEU D 155 23.17 18.44 -22.03
C LEU D 155 22.00 19.33 -22.37
N GLN D 156 20.96 18.74 -22.95
CA GLN D 156 19.86 19.54 -23.45
C GLN D 156 18.69 19.45 -22.48
N SER D 157 18.01 20.58 -22.33
CA SER D 157 16.79 20.66 -21.55
C SER D 157 15.83 21.61 -22.23
N GLY D 158 14.54 21.28 -22.17
CA GLY D 158 13.52 22.19 -22.66
C GLY D 158 13.44 22.30 -24.16
N ASN D 159 14.12 21.42 -24.91
CA ASN D 159 14.04 21.45 -26.37
C ASN D 159 13.70 20.07 -26.94
N SER D 160 13.24 19.15 -26.10
CA SER D 160 12.91 17.80 -26.50
C SER D 160 11.52 17.44 -26.01
N GLN D 161 10.83 16.54 -26.73
CA GLN D 161 9.56 16.00 -26.24
C GLN D 161 9.54 14.50 -26.43
N GLU D 162 8.94 13.80 -25.47
CA GLU D 162 8.87 12.36 -25.52
C GLU D 162 7.43 11.88 -25.67
N SER D 163 7.31 10.70 -26.27
CA SER D 163 6.08 9.95 -26.45
C SER D 163 6.33 8.47 -26.21
N VAL D 164 5.40 7.80 -25.55
CA VAL D 164 5.54 6.37 -25.27
C VAL D 164 4.31 5.62 -25.74
N THR D 165 4.55 4.40 -26.18
CA THR D 165 3.50 3.47 -26.58
C THR D 165 2.89 2.75 -25.38
N GLU D 166 1.69 2.21 -25.60
CA GLU D 166 1.10 1.34 -24.61
C GLU D 166 1.75 -0.01 -24.71
N GLN D 167 1.86 -0.69 -23.57
CA GLN D 167 2.55 -1.97 -23.50
C GLN D 167 2.08 -2.86 -24.63
N ASP D 168 3.03 -3.50 -25.33
CA ASP D 168 2.67 -4.19 -26.57
C ASP D 168 1.83 -5.44 -26.33
N SER D 169 0.87 -5.67 -27.24
CA SER D 169 -0.10 -6.75 -27.04
C SER D 169 0.54 -8.11 -27.14
N LYS D 170 1.71 -8.20 -27.78
CA LYS D 170 2.31 -9.46 -28.19
C LYS D 170 3.66 -9.74 -27.54
N ASP D 171 4.52 -8.74 -27.36
CA ASP D 171 5.69 -8.92 -26.51
C ASP D 171 5.68 -8.10 -25.21
N SER D 172 4.59 -7.38 -24.92
CA SER D 172 4.46 -6.58 -23.69
C SER D 172 5.74 -5.79 -23.42
N THR D 173 6.26 -5.19 -24.47
CA THR D 173 7.30 -4.16 -24.42
C THR D 173 6.72 -2.83 -24.90
N TYR D 174 7.50 -1.77 -24.70
CA TYR D 174 7.11 -0.41 -25.00
C TYR D 174 8.08 0.15 -26.01
N SER D 175 7.72 1.28 -26.59
CA SER D 175 8.62 2.03 -27.48
C SER D 175 8.51 3.49 -27.12
N LEU D 176 9.62 4.20 -27.11
CA LEU D 176 9.58 5.62 -26.77
C LEU D 176 10.23 6.43 -27.87
N SER D 177 9.77 7.67 -28.03
CA SER D 177 10.27 8.52 -29.09
C SER D 177 10.51 9.93 -28.58
N SER D 178 11.78 10.29 -28.42
CA SER D 178 12.20 11.64 -28.06
C SER D 178 12.63 12.38 -29.29
N THR D 179 12.03 13.55 -29.50
CA THR D 179 12.30 14.39 -30.64
C THR D 179 12.87 15.69 -30.11
N LEU D 180 14.04 16.05 -30.58
CA LEU D 180 14.66 17.32 -30.27
C LEU D 180 14.22 18.33 -31.33
N THR D 181 13.84 19.52 -30.90
CA THR D 181 13.46 20.57 -31.83
C THR D 181 14.44 21.72 -31.72
N LEU D 182 14.94 22.16 -32.87
CA LEU D 182 15.82 23.31 -32.97
C LEU D 182 15.41 24.18 -34.15
N SER D 183 15.81 25.44 -34.05
CA SER D 183 15.79 26.26 -35.24
C SER D 183 16.87 25.77 -36.20
N LYS D 184 16.65 26.02 -37.49
CA LYS D 184 17.64 25.65 -38.49
C LYS D 184 19.00 26.26 -38.15
N ALA D 185 19.00 27.54 -37.77
CA ALA D 185 20.21 28.26 -37.40
C ALA D 185 20.89 27.62 -36.18
N ASP D 186 20.11 27.28 -35.17
CA ASP D 186 20.70 26.63 -34.01
C ASP D 186 21.37 25.33 -34.41
N TYR D 187 20.83 24.66 -35.42
CA TYR D 187 21.36 23.36 -35.87
C TYR D 187 22.72 23.52 -36.55
N GLU D 188 22.88 24.52 -37.42
CA GLU D 188 24.11 24.69 -38.18
C GLU D 188 25.21 25.32 -37.33
N LYS D 189 24.89 25.79 -36.14
CA LYS D 189 25.90 26.31 -35.24
C LYS D 189 26.68 25.19 -34.57
N HIS D 190 26.31 23.94 -34.82
CA HIS D 190 26.91 22.83 -34.10
C HIS D 190 27.10 21.65 -35.03
N LYS D 191 27.82 20.66 -34.51
CA LYS D 191 28.27 19.53 -35.30
C LYS D 191 27.72 18.20 -34.79
N VAL D 192 27.80 17.95 -33.48
CA VAL D 192 27.59 16.61 -32.94
C VAL D 192 26.28 16.59 -32.15
N TYR D 193 25.28 15.87 -32.67
CA TYR D 193 23.98 15.69 -32.05
C TYR D 193 23.85 14.24 -31.59
N ALA D 194 23.54 14.06 -30.31
CA ALA D 194 23.65 12.74 -29.68
C ALA D 194 22.42 12.43 -28.85
N CYS D 195 22.09 11.14 -28.78
CA CYS D 195 21.05 10.60 -27.91
C CYS D 195 21.71 9.68 -26.89
N GLU D 196 21.53 9.97 -25.59
CA GLU D 196 22.03 9.12 -24.50
C GLU D 196 20.89 8.36 -23.84
N VAL D 197 20.97 7.04 -23.89
CA VAL D 197 19.90 6.17 -23.42
C VAL D 197 20.37 5.37 -22.21
N THR D 198 19.68 5.57 -21.09
CA THR D 198 20.08 4.98 -19.81
C THR D 198 18.96 4.05 -19.39
N HIS D 199 19.29 2.79 -19.16
CA HIS D 199 18.19 1.86 -18.88
C HIS D 199 18.69 0.68 -18.06
N GLN D 200 17.74 0.02 -17.39
CA GLN D 200 18.05 -1.11 -16.53
C GLN D 200 18.61 -2.30 -17.31
N GLY D 201 18.13 -2.55 -18.52
CA GLY D 201 18.70 -3.67 -19.24
C GLY D 201 20.07 -3.43 -19.80
N LEU D 202 20.54 -2.19 -19.76
CA LEU D 202 21.85 -1.82 -20.28
C LEU D 202 22.86 -1.76 -19.15
N SER D 203 24.02 -2.35 -19.41
CA SER D 203 25.13 -2.33 -18.46
C SER D 203 25.53 -0.90 -18.11
N SER D 204 25.63 -0.03 -19.11
CA SER D 204 25.94 1.37 -18.94
C SER D 204 25.19 2.17 -20.01
N PRO D 205 24.96 3.47 -19.77
CA PRO D 205 24.20 4.29 -20.74
C PRO D 205 24.76 4.25 -22.16
N VAL D 206 23.90 3.85 -23.13
CA VAL D 206 24.27 3.77 -24.54
C VAL D 206 23.94 5.09 -25.23
N THR D 207 24.76 5.47 -26.18
CA THR D 207 24.61 6.73 -26.89
C THR D 207 24.63 6.50 -28.40
N LYS D 208 23.70 7.14 -29.11
CA LYS D 208 23.69 7.19 -30.57
C LYS D 208 23.80 8.65 -30.99
N SER D 209 24.70 8.96 -31.92
CA SER D 209 25.02 10.33 -32.30
C SER D 209 25.30 10.43 -33.79
N PHE D 210 25.30 11.66 -34.30
CA PHE D 210 25.71 11.90 -35.68
C PHE D 210 26.39 13.27 -35.80
N ASN D 211 27.13 13.46 -36.90
CA ASN D 211 27.80 14.72 -37.19
C ASN D 211 27.13 15.43 -38.37
N ARG D 212 26.61 16.63 -38.12
CA ARG D 212 25.92 17.42 -39.15
C ARG D 212 26.73 17.49 -40.42
N GLY D 213 26.19 16.92 -41.50
CA GLY D 213 26.96 16.84 -42.74
C GLY D 213 27.77 15.57 -42.83
N GLU D 214 27.15 14.43 -42.58
CA GLU D 214 27.80 13.13 -42.63
C GLU D 214 27.12 12.29 -43.70
N CYS D 215 27.92 11.51 -44.42
CA CYS D 215 27.37 10.71 -45.51
C CYS D 215 26.92 9.36 -44.96
N SER E 3 32.29 -11.65 26.38
CA SER E 3 31.33 -10.78 27.06
C SER E 3 31.27 -9.43 26.36
N GLU E 4 32.40 -9.05 25.73
CA GLU E 4 32.59 -7.72 25.16
C GLU E 4 32.04 -7.61 23.74
N VAL E 5 31.51 -8.70 23.18
CA VAL E 5 30.86 -8.60 21.89
C VAL E 5 29.54 -7.88 22.08
N GLN E 6 29.24 -6.94 21.21
CA GLN E 6 27.99 -6.24 21.36
C GLN E 6 27.61 -5.68 20.00
N LEU E 7 26.30 -5.56 19.77
CA LEU E 7 25.76 -5.01 18.53
C LEU E 7 24.69 -4.00 18.89
N VAL E 8 24.67 -2.83 18.24
CA VAL E 8 23.77 -1.76 18.65
C VAL E 8 22.94 -1.27 17.47
N GLU E 9 21.72 -1.79 17.33
CA GLU E 9 20.81 -1.28 16.30
C GLU E 9 20.47 0.17 16.58
N SER E 10 20.09 0.87 15.53
CA SER E 10 19.63 2.24 15.69
C SER E 10 18.97 2.68 14.39
N GLY E 11 18.23 3.79 14.44
CA GLY E 11 17.65 4.36 13.23
C GLY E 11 16.20 4.00 12.99
N GLY E 12 15.58 3.20 13.85
CA GLY E 12 14.16 2.92 13.72
C GLY E 12 13.29 4.12 14.06
N GLY E 13 12.00 4.00 13.75
CA GLY E 13 11.05 5.07 14.00
C GLY E 13 9.76 4.86 13.24
N LEU E 14 8.91 5.87 13.31
CA LEU E 14 7.68 5.96 12.52
C LEU E 14 7.99 6.23 11.05
N VAL E 15 7.19 5.64 10.18
CA VAL E 15 7.33 5.86 8.74
C VAL E 15 6.01 5.48 8.06
N GLN E 16 5.58 6.34 7.13
CA GLN E 16 4.28 6.08 6.54
C GLN E 16 4.39 4.94 5.52
N PRO E 17 3.29 4.23 5.23
CA PRO E 17 3.36 3.15 4.25
C PRO E 17 3.89 3.68 2.93
N GLY E 18 4.83 2.93 2.32
CA GLY E 18 5.60 3.41 1.19
C GLY E 18 6.83 4.22 1.55
N GLY E 19 7.02 4.59 2.80
CA GLY E 19 8.17 5.38 3.16
C GLY E 19 9.38 4.49 3.35
N SER E 20 10.49 5.13 3.73
CA SER E 20 11.79 4.46 3.77
C SER E 20 12.49 4.75 5.07
N LEU E 21 13.32 3.81 5.51
CA LEU E 21 13.99 4.02 6.77
C LEU E 21 15.26 3.16 6.83
N ARG E 22 16.35 3.70 7.38
CA ARG E 22 17.57 2.92 7.33
C ARG E 22 18.02 2.54 8.73
N LEU E 23 18.04 1.25 9.02
CA LEU E 23 18.56 0.75 10.28
C LEU E 23 20.07 0.63 10.21
N SER E 24 20.69 0.77 11.36
CA SER E 24 22.13 0.72 11.49
C SER E 24 22.46 -0.43 12.43
N CYS E 25 23.65 -0.96 12.37
CA CYS E 25 24.02 -1.95 13.37
C CYS E 25 25.52 -1.88 13.60
N ALA E 26 25.94 -1.06 14.54
CA ALA E 26 27.36 -0.91 14.79
C ALA E 26 27.79 -2.03 15.73
N ALA E 27 28.70 -2.88 15.26
CA ALA E 27 29.19 -3.99 16.05
C ALA E 27 30.33 -3.50 16.92
N SER E 28 30.63 -4.28 17.94
CA SER E 28 31.86 -4.02 18.67
C SER E 28 32.25 -5.28 19.40
N GLY E 29 33.54 -5.38 19.71
CA GLY E 29 34.10 -6.58 20.30
C GLY E 29 34.62 -7.60 19.31
N PHE E 30 34.49 -7.33 18.01
CA PHE E 30 34.93 -8.22 16.95
C PHE E 30 34.98 -7.43 15.66
N TYR E 31 35.78 -7.93 14.72
CA TYR E 31 35.80 -7.34 13.39
C TYR E 31 34.56 -7.84 12.62
N ILE E 32 33.72 -6.90 12.15
CA ILE E 32 32.44 -7.27 11.54
C ILE E 32 32.65 -7.96 10.21
N SER E 33 33.89 -7.94 9.70
CA SER E 33 34.20 -8.38 8.34
C SER E 33 34.11 -9.89 8.21
N TYR E 34 34.40 -10.63 9.29
CA TYR E 34 34.61 -12.06 9.26
C TYR E 34 33.41 -12.85 9.78
N SER E 35 32.26 -12.24 9.96
CA SER E 35 31.08 -12.98 10.37
C SER E 35 29.92 -12.55 9.50
N SER E 36 28.89 -13.41 9.43
CA SER E 36 27.64 -13.06 8.75
C SER E 36 26.66 -12.32 9.65
N ILE E 37 26.09 -11.25 9.12
CA ILE E 37 25.19 -10.36 9.84
C ILE E 37 23.79 -10.51 9.25
N HIS E 38 22.82 -10.77 10.13
CA HIS E 38 21.43 -11.06 9.79
C HIS E 38 20.52 -9.95 10.24
N TRP E 39 19.33 -9.98 9.71
CA TRP E 39 18.23 -9.26 10.30
C TRP E 39 17.14 -10.25 10.63
N VAL E 40 16.65 -10.16 11.84
CA VAL E 40 15.51 -10.91 12.32
C VAL E 40 14.53 -9.83 12.74
N ARG E 41 13.28 -9.99 12.39
CA ARG E 41 12.30 -9.04 12.87
C ARG E 41 11.29 -9.79 13.72
N GLN E 42 10.61 -9.05 14.57
CA GLN E 42 9.61 -9.57 15.49
C GLN E 42 8.52 -8.54 15.54
N ALA E 43 7.35 -8.88 15.02
CA ALA E 43 6.19 -8.01 15.13
C ALA E 43 5.72 -7.93 16.60
N PRO E 44 5.00 -6.87 16.97
CA PRO E 44 4.40 -6.82 18.31
C PRO E 44 3.55 -8.06 18.56
N GLY E 45 3.85 -8.73 19.66
CA GLY E 45 3.06 -9.87 20.11
C GLY E 45 3.27 -11.17 19.37
N LYS E 46 4.03 -11.15 18.30
CA LYS E 46 4.24 -12.30 17.46
C LYS E 46 5.55 -12.99 17.81
N GLY E 47 5.97 -13.90 16.94
CA GLY E 47 7.27 -14.53 17.00
C GLY E 47 8.30 -13.82 16.14
N LEU E 48 9.46 -14.48 16.01
CA LEU E 48 10.61 -14.02 15.22
C LEU E 48 10.42 -14.32 13.74
N GLU E 49 10.92 -13.43 12.89
CA GLU E 49 10.89 -13.64 11.44
C GLU E 49 12.24 -13.27 10.82
N TRP E 50 12.94 -14.24 10.20
CA TRP E 50 14.19 -13.91 9.49
C TRP E 50 13.94 -12.97 8.31
N VAL E 51 14.86 -12.02 8.06
CA VAL E 51 14.69 -11.05 6.98
C VAL E 51 15.85 -11.09 5.99
N ALA E 52 17.08 -10.96 6.47
CA ALA E 52 18.22 -10.72 5.60
C ALA E 52 19.46 -11.35 6.23
N SER E 53 20.48 -11.46 5.42
CA SER E 53 21.74 -11.94 5.92
C SER E 53 22.76 -11.44 4.90
N ILE E 54 23.98 -11.27 5.36
CA ILE E 54 25.07 -11.02 4.43
C ILE E 54 26.24 -11.81 4.94
N SER E 55 26.94 -12.40 4.02
CA SER E 55 27.99 -13.37 3.89
C SER E 55 29.35 -12.68 4.02
N PRO E 56 30.31 -13.31 4.69
CA PRO E 56 31.65 -12.75 4.80
C PRO E 56 32.42 -12.94 3.51
N TYR E 57 33.36 -12.03 3.27
CA TYR E 57 34.37 -12.15 2.22
C TYR E 57 33.77 -12.06 0.83
N SER E 58 32.47 -12.29 0.74
CA SER E 58 31.84 -12.32 -0.57
C SER E 58 30.88 -11.18 -0.78
N GLY E 59 30.22 -10.71 0.28
CA GLY E 59 29.12 -9.77 0.17
C GLY E 59 27.83 -10.33 -0.39
N SER E 60 27.71 -11.65 -0.41
CA SER E 60 26.49 -12.29 -0.86
C SER E 60 25.36 -12.04 0.13
N THR E 61 24.19 -11.74 -0.42
CA THR E 61 23.04 -11.30 0.35
C THR E 61 21.95 -12.35 0.23
N TYR E 62 21.00 -12.30 1.16
CA TYR E 62 19.83 -13.17 1.14
C TYR E 62 18.63 -12.39 1.69
N TYR E 63 17.44 -12.76 1.27
CA TYR E 63 16.25 -12.03 1.70
C TYR E 63 15.11 -12.99 1.99
N ALA E 64 14.19 -12.51 2.81
CA ALA E 64 12.90 -13.15 3.00
C ALA E 64 11.98 -12.84 1.85
N ASP E 65 11.02 -13.75 1.64
CA ASP E 65 10.08 -13.56 0.55
C ASP E 65 9.31 -12.25 0.70
N SER E 66 8.87 -11.96 1.91
CA SER E 66 7.97 -10.85 2.09
C SER E 66 8.63 -9.51 1.83
N VAL E 67 9.95 -9.47 1.73
CA VAL E 67 10.69 -8.22 1.63
C VAL E 67 11.55 -8.12 0.37
N LYS E 68 11.72 -9.22 -0.37
CA LYS E 68 12.54 -9.21 -1.57
C LYS E 68 12.07 -8.09 -2.50
N GLY E 69 13.01 -7.26 -2.93
CA GLY E 69 12.69 -6.11 -3.76
C GLY E 69 12.35 -4.84 -3.02
N ARG E 70 12.45 -4.82 -1.70
CA ARG E 70 12.25 -3.59 -0.95
C ARG E 70 13.42 -3.29 -0.02
N PHE E 71 14.01 -4.35 0.50
CA PHE E 71 15.05 -4.28 1.53
C PHE E 71 16.42 -4.53 0.90
N THR E 72 17.47 -3.95 1.50
CA THR E 72 18.81 -4.05 0.92
C THR E 72 19.83 -4.30 2.02
N ILE E 73 20.21 -5.54 2.30
CA ILE E 73 21.19 -5.70 3.37
C ILE E 73 22.59 -5.32 2.86
N SER E 74 23.38 -4.69 3.74
CA SER E 74 24.69 -4.19 3.33
C SER E 74 25.61 -4.20 4.54
N ALA E 75 26.92 -4.00 4.28
CA ALA E 75 27.89 -3.83 5.36
C ALA E 75 28.88 -2.73 4.96
N ASP E 76 29.52 -2.11 5.97
CA ASP E 76 30.59 -1.13 5.76
C ASP E 76 31.79 -1.40 6.68
N THR E 77 32.75 -2.24 6.25
CA THR E 77 33.74 -2.74 7.21
C THR E 77 34.77 -1.70 7.66
N SER E 78 34.94 -0.57 6.95
CA SER E 78 35.81 0.42 7.59
C SER E 78 35.13 0.96 8.85
N LYS E 79 33.80 0.87 8.89
CA LYS E 79 32.95 1.28 10.00
C LYS E 79 32.46 0.12 10.88
N ASN E 80 32.81 -1.13 10.58
CA ASN E 80 32.37 -2.26 11.40
C ASN E 80 30.86 -2.29 11.60
N THR E 81 30.09 -1.84 10.60
CA THR E 81 28.66 -1.66 10.70
C THR E 81 27.94 -2.40 9.56
N ALA E 82 26.80 -3.02 9.90
CA ALA E 82 25.86 -3.58 8.93
C ALA E 82 24.61 -2.72 8.89
N TYR E 83 23.90 -2.77 7.77
CA TYR E 83 22.80 -1.85 7.52
C TYR E 83 21.59 -2.60 6.96
N LEU E 84 20.43 -1.96 7.06
CA LEU E 84 19.27 -2.39 6.29
C LEU E 84 18.50 -1.17 5.79
N GLN E 85 18.63 -0.86 4.51
CA GLN E 85 17.82 0.15 3.85
C GLN E 85 16.47 -0.45 3.44
N MET E 86 15.39 0.04 4.03
CA MET E 86 14.06 -0.49 3.77
C MET E 86 13.28 0.52 2.96
N ASN E 87 12.59 0.05 1.92
CA ASN E 87 11.89 0.96 1.04
C ASN E 87 10.48 0.48 0.75
N SER E 88 9.62 1.43 0.37
CA SER E 88 8.19 1.19 0.19
C SER E 88 7.65 0.24 1.28
N LEU E 89 7.74 0.72 2.52
CA LEU E 89 7.37 -0.09 3.67
C LEU E 89 5.86 -0.28 3.74
N ARG E 90 5.46 -1.37 4.38
CA ARG E 90 4.05 -1.70 4.50
C ARG E 90 3.68 -1.77 5.97
N ALA E 91 2.37 -1.65 6.25
CA ALA E 91 1.93 -1.75 7.63
C ALA E 91 2.44 -3.03 8.27
N GLU E 92 2.52 -4.10 7.47
CA GLU E 92 3.03 -5.40 7.90
C GLU E 92 4.49 -5.36 8.31
N ASP E 93 5.23 -4.36 7.85
CA ASP E 93 6.65 -4.23 8.14
C ASP E 93 6.91 -3.64 9.53
N THR E 94 5.85 -3.30 10.25
CA THR E 94 5.89 -2.93 11.66
C THR E 94 6.34 -4.11 12.55
N ALA E 95 7.44 -3.92 13.29
CA ALA E 95 8.05 -4.97 14.09
C ALA E 95 9.21 -4.40 14.90
N VAL E 96 9.77 -5.22 15.80
CA VAL E 96 11.09 -4.98 16.40
C VAL E 96 12.19 -5.74 15.66
N TYR E 97 13.18 -5.00 15.10
CA TYR E 97 14.21 -5.55 14.22
C TYR E 97 15.55 -5.71 14.93
N TYR E 98 16.03 -6.94 15.02
CA TYR E 98 17.36 -7.26 15.51
C TYR E 98 18.32 -7.46 14.33
N CYS E 99 19.57 -6.96 14.44
CA CYS E 99 20.66 -7.54 13.65
C CYS E 99 21.23 -8.66 14.52
N ALA E 100 21.71 -9.73 13.92
CA ALA E 100 22.29 -10.80 14.73
C ALA E 100 23.58 -11.26 14.11
N ARG E 101 24.54 -11.62 14.96
CA ARG E 101 25.83 -12.17 14.52
C ARG E 101 25.76 -13.69 14.56
N GLN E 102 25.95 -14.32 13.40
CA GLN E 102 26.19 -15.75 13.36
C GLN E 102 27.58 -16.08 13.88
N GLY E 103 27.65 -17.10 14.72
CA GLY E 103 28.89 -17.39 15.40
C GLY E 103 29.95 -17.83 14.43
N TYR E 104 31.08 -18.19 15.01
CA TYR E 104 32.12 -18.83 14.22
C TYR E 104 31.77 -20.29 14.00
N ARG E 105 32.09 -20.79 12.80
CA ARG E 105 31.57 -22.08 12.38
C ARG E 105 31.99 -23.20 13.34
N ARG E 106 33.24 -23.20 13.79
CA ARG E 106 33.69 -24.32 14.63
C ARG E 106 33.18 -24.27 16.06
N ARG E 107 32.75 -23.09 16.56
CA ARG E 107 32.35 -22.86 17.97
C ARG E 107 30.85 -22.88 18.23
N SER E 108 30.01 -22.41 17.28
CA SER E 108 28.58 -22.33 17.47
C SER E 108 27.81 -22.66 16.21
N GLY E 109 28.34 -23.57 15.38
CA GLY E 109 27.64 -24.00 14.18
C GLY E 109 27.33 -22.81 13.28
N ARG E 110 26.06 -22.70 12.92
CA ARG E 110 25.52 -21.50 12.29
C ARG E 110 24.56 -20.76 13.23
N GLY E 111 24.55 -21.11 14.51
CA GLY E 111 23.62 -20.50 15.45
C GLY E 111 23.94 -19.04 15.72
N PHE E 112 22.88 -18.26 15.95
CA PHE E 112 23.06 -16.81 16.14
C PHE E 112 23.39 -16.56 17.60
N ASP E 113 24.68 -16.32 17.85
CA ASP E 113 25.29 -16.31 19.17
C ASP E 113 25.27 -14.93 19.84
N TYR E 114 25.06 -13.85 19.10
CA TYR E 114 24.91 -12.54 19.72
C TYR E 114 23.85 -11.73 18.99
N TRP E 115 22.96 -11.07 19.74
CA TRP E 115 21.91 -10.26 19.14
C TRP E 115 21.90 -8.84 19.70
N GLY E 116 21.49 -7.90 18.83
CA GLY E 116 21.26 -6.55 19.28
C GLY E 116 20.07 -6.44 20.21
N GLN E 117 19.88 -5.27 20.80
CA GLN E 117 18.73 -5.16 21.67
C GLN E 117 17.47 -4.71 20.95
N GLY E 118 17.54 -4.51 19.63
CA GLY E 118 16.44 -4.19 18.73
C GLY E 118 16.23 -2.69 18.59
N THR E 119 15.69 -2.30 17.44
CA THR E 119 15.15 -0.97 17.19
C THR E 119 13.75 -1.11 16.58
N LEU E 120 12.86 -0.18 16.88
CA LEU E 120 11.44 -0.30 16.56
C LEU E 120 11.10 0.41 15.25
N VAL E 121 10.46 -0.31 14.32
CA VAL E 121 9.95 0.29 13.09
C VAL E 121 8.45 0.23 13.18
N THR E 122 7.80 1.38 13.10
CA THR E 122 6.36 1.50 13.14
C THR E 122 5.92 2.13 11.84
N VAL E 123 5.02 1.46 11.14
CA VAL E 123 4.49 1.94 9.86
C VAL E 123 3.02 2.24 10.08
N SER E 124 2.61 3.51 9.97
CA SER E 124 1.18 3.83 9.98
C SER E 124 0.95 5.20 9.38
N SER E 125 -0.18 5.36 8.69
CA SER E 125 -0.60 6.69 8.26
C SER E 125 -1.30 7.46 9.35
N ALA E 126 -1.48 6.81 10.52
CA ALA E 126 -2.14 7.48 11.64
C ALA E 126 -1.29 8.64 12.13
N SER E 127 -1.91 9.78 12.27
CA SER E 127 -1.23 10.96 12.78
C SER E 127 -1.17 10.86 14.30
N THR E 128 -0.37 11.73 14.92
CA THR E 128 -0.30 11.76 16.38
C THR E 128 -1.64 12.20 16.95
N LYS E 129 -2.13 11.46 17.94
CA LYS E 129 -3.46 11.71 18.52
C LYS E 129 -3.47 11.16 19.95
N GLY E 130 -3.75 12.03 20.92
CA GLY E 130 -3.88 11.63 22.30
C GLY E 130 -5.08 10.75 22.57
N PRO E 131 -5.08 10.00 23.66
CA PRO E 131 -6.18 9.11 23.91
C PRO E 131 -7.36 9.93 24.35
N SER E 132 -8.55 9.37 24.08
CA SER E 132 -9.74 9.66 24.82
C SER E 132 -9.74 8.70 25.99
N VAL E 133 -10.12 9.21 27.16
CA VAL E 133 -10.26 8.41 28.37
C VAL E 133 -11.75 8.33 28.68
N PHE E 134 -12.24 7.12 28.92
CA PHE E 134 -13.65 6.93 29.21
C PHE E 134 -13.75 6.14 30.51
N PRO E 135 -14.61 6.54 31.45
CA PRO E 135 -14.72 5.82 32.72
C PRO E 135 -15.31 4.43 32.50
N LEU E 136 -14.77 3.44 33.18
CA LEU E 136 -15.46 2.15 33.27
C LEU E 136 -16.02 2.08 34.69
N ALA E 137 -17.29 2.50 34.81
CA ALA E 137 -17.91 2.84 36.07
C ALA E 137 -18.18 1.60 36.90
N PRO E 138 -17.90 1.64 38.20
CA PRO E 138 -18.26 0.51 39.06
C PRO E 138 -19.75 0.49 39.34
N SER E 139 -20.25 -0.71 39.64
CA SER E 139 -21.59 -0.89 40.15
C SER E 139 -21.87 -2.36 40.44
N SER E 140 -23.08 -2.68 40.90
CA SER E 140 -23.61 -4.02 40.67
C SER E 140 -23.53 -4.30 39.16
N LYS E 141 -23.34 -5.57 38.79
CA LYS E 141 -22.91 -6.12 37.48
C LYS E 141 -21.38 -6.03 37.35
N SER E 142 -20.70 -5.38 38.32
CA SER E 142 -19.24 -5.31 38.42
C SER E 142 -18.77 -5.56 39.87
N THR E 143 -19.59 -6.24 40.69
CA THR E 143 -19.28 -6.60 42.09
C THR E 143 -19.39 -8.11 42.29
N SER E 144 -18.36 -8.70 42.90
CA SER E 144 -18.32 -10.13 43.27
C SER E 144 -17.94 -10.15 44.75
N GLY E 145 -18.96 -10.07 45.59
CA GLY E 145 -18.84 -10.13 47.04
C GLY E 145 -18.38 -8.89 47.77
N GLY E 146 -17.16 -8.91 48.30
CA GLY E 146 -16.64 -7.77 49.03
C GLY E 146 -16.03 -6.70 48.14
N THR E 147 -15.72 -7.02 46.88
CA THR E 147 -14.95 -6.15 46.01
C THR E 147 -15.67 -5.84 44.71
N ALA E 148 -15.32 -4.70 44.13
CA ALA E 148 -15.84 -4.25 42.86
C ALA E 148 -14.69 -3.96 41.90
N ALA E 149 -14.96 -4.10 40.59
CA ALA E 149 -14.01 -3.76 39.54
C ALA E 149 -14.40 -2.48 38.83
N LEU E 150 -13.42 -1.63 38.53
CA LEU E 150 -13.65 -0.40 37.81
C LEU E 150 -12.39 -0.06 37.01
N GLY E 151 -12.50 0.93 36.13
CA GLY E 151 -11.36 1.24 35.29
C GLY E 151 -11.66 2.40 34.38
N CYS E 152 -10.69 2.62 33.46
CA CYS E 152 -10.74 3.62 32.42
C CYS E 152 -10.48 2.96 31.10
N LEU E 153 -11.18 3.41 30.07
CA LEU E 153 -10.91 3.03 28.69
C LEU E 153 -10.06 4.16 28.14
N VAL E 154 -8.86 3.82 27.67
CA VAL E 154 -7.99 4.79 27.02
C VAL E 154 -8.16 4.50 25.53
N LYS E 155 -8.85 5.38 24.80
CA LYS E 155 -9.45 5.01 23.53
C LYS E 155 -9.00 5.88 22.37
N ASP E 156 -8.59 5.24 21.27
CA ASP E 156 -8.35 5.93 20.00
C ASP E 156 -7.19 6.93 20.10
N TYR E 157 -6.04 6.38 20.49
CA TYR E 157 -4.80 7.15 20.56
C TYR E 157 -3.74 6.56 19.66
N PHE E 158 -2.77 7.40 19.28
CA PHE E 158 -1.63 7.01 18.46
C PHE E 158 -0.53 8.03 18.68
N PRO E 159 0.73 7.60 18.82
CA PRO E 159 1.18 6.19 18.84
C PRO E 159 1.46 5.68 20.24
N GLU E 160 1.91 4.43 20.32
CA GLU E 160 2.30 3.89 21.61
C GLU E 160 3.45 4.75 22.14
N PRO E 161 3.61 4.82 23.46
CA PRO E 161 2.78 4.21 24.51
C PRO E 161 1.90 5.22 25.26
N VAL E 162 0.98 4.73 26.10
CA VAL E 162 0.40 5.50 27.20
C VAL E 162 0.87 4.88 28.50
N THR E 163 0.91 5.71 29.54
CA THR E 163 1.13 5.27 30.89
C THR E 163 -0.13 5.66 31.65
N VAL E 164 -0.66 4.71 32.43
CA VAL E 164 -1.88 4.86 33.19
C VAL E 164 -1.56 4.53 34.64
N SER E 165 -1.79 5.48 35.54
CA SER E 165 -1.59 5.27 36.96
C SER E 165 -2.86 5.61 37.72
N TRP E 166 -3.00 5.03 38.90
CA TRP E 166 -4.18 5.28 39.69
C TRP E 166 -3.83 6.10 40.91
N ASN E 167 -4.63 7.14 41.16
CA ASN E 167 -4.42 8.01 42.29
C ASN E 167 -2.96 8.45 42.29
N SER E 168 -2.57 9.02 41.16
CA SER E 168 -1.24 9.58 41.02
C SER E 168 -0.23 8.60 41.57
N GLY E 169 -0.42 7.32 41.28
CA GLY E 169 0.61 6.39 41.65
C GLY E 169 0.42 5.75 42.99
N ALA E 170 -0.52 6.24 43.79
CA ALA E 170 -0.73 5.67 45.11
C ALA E 170 -1.47 4.36 45.07
N LEU E 171 -2.31 4.15 44.07
CA LEU E 171 -3.09 2.93 44.00
C LEU E 171 -2.39 2.01 43.01
N THR E 172 -1.87 0.90 43.52
CA THR E 172 -1.20 0.01 42.60
C THR E 172 -1.61 -1.45 42.77
N SER E 173 -1.84 -1.95 43.97
CA SER E 173 -2.14 -3.37 44.02
C SER E 173 -3.60 -3.56 43.63
N GLY E 174 -3.85 -4.64 42.88
CA GLY E 174 -5.12 -4.92 42.25
C GLY E 174 -5.33 -4.26 40.92
N VAL E 175 -4.37 -3.49 40.42
CA VAL E 175 -4.54 -2.88 39.12
C VAL E 175 -4.16 -3.87 38.03
N HIS E 176 -4.86 -3.81 36.91
CA HIS E 176 -4.43 -4.42 35.66
C HIS E 176 -4.46 -3.35 34.58
N THR E 177 -3.28 -3.07 34.00
CA THR E 177 -3.20 -2.23 32.80
C THR E 177 -3.03 -3.20 31.62
N PHE E 178 -4.00 -3.23 30.73
CA PHE E 178 -3.96 -4.25 29.70
C PHE E 178 -3.14 -3.83 28.47
N PRO E 179 -2.62 -4.82 27.72
CA PRO E 179 -2.03 -4.52 26.42
C PRO E 179 -2.97 -3.86 25.44
N ALA E 180 -2.41 -2.99 24.61
CA ALA E 180 -3.12 -2.29 23.55
C ALA E 180 -3.46 -3.21 22.40
N VAL E 181 -4.53 -2.88 21.71
CA VAL E 181 -4.83 -3.52 20.43
C VAL E 181 -5.00 -2.40 19.43
N LEU E 182 -4.67 -2.70 18.18
CA LEU E 182 -4.72 -1.70 17.15
C LEU E 182 -6.11 -1.80 16.55
N GLN E 183 -6.90 -0.74 16.66
CA GLN E 183 -8.24 -0.80 16.09
C GLN E 183 -8.09 -0.55 14.60
N SER E 184 -8.99 -1.16 13.83
CA SER E 184 -8.81 -1.17 12.38
C SER E 184 -8.79 0.23 11.82
N SER E 185 -9.12 1.23 12.64
CA SER E 185 -8.95 2.65 12.39
C SER E 185 -7.50 3.12 12.51
N GLY E 186 -6.55 2.22 12.83
CA GLY E 186 -5.14 2.52 12.90
C GLY E 186 -4.66 3.19 14.17
N LEU E 187 -5.58 3.51 15.09
CA LEU E 187 -5.28 4.07 16.39
C LEU E 187 -5.27 2.93 17.40
N TYR E 188 -4.54 3.10 18.46
CA TYR E 188 -4.53 2.09 19.50
C TYR E 188 -5.57 2.44 20.56
N SER E 189 -5.89 1.47 21.42
CA SER E 189 -6.75 1.75 22.57
C SER E 189 -6.62 0.63 23.61
N LEU E 190 -6.51 1.00 24.89
CA LEU E 190 -6.46 0.02 25.97
C LEU E 190 -7.33 0.45 27.15
N SER E 191 -7.64 -0.50 28.03
CA SER E 191 -8.29 -0.18 29.28
C SER E 191 -7.46 -0.75 30.41
N SER E 192 -7.60 -0.15 31.58
CA SER E 192 -6.94 -0.65 32.77
C SER E 192 -7.97 -0.65 33.88
N VAL E 193 -8.01 -1.72 34.65
CA VAL E 193 -9.06 -1.94 35.64
C VAL E 193 -8.44 -2.22 37.00
N VAL E 194 -9.16 -1.88 38.06
CA VAL E 194 -8.66 -2.10 39.41
C VAL E 194 -9.76 -2.67 40.30
N THR E 195 -9.38 -3.69 41.07
CA THR E 195 -10.27 -4.30 42.05
C THR E 195 -9.99 -3.70 43.45
N VAL E 196 -11.05 -3.19 44.06
CA VAL E 196 -11.08 -2.46 45.33
C VAL E 196 -12.17 -3.04 46.20
N PRO E 197 -12.09 -2.92 47.53
CA PRO E 197 -13.21 -3.32 48.40
C PRO E 197 -14.50 -2.56 48.08
N SER E 198 -15.58 -3.31 47.83
CA SER E 198 -16.82 -2.67 47.40
C SER E 198 -17.33 -1.68 48.43
N SER E 199 -17.11 -1.95 49.71
CA SER E 199 -17.54 -1.06 50.77
C SER E 199 -16.87 0.31 50.70
N SER E 200 -15.78 0.43 49.94
CA SER E 200 -15.00 1.64 49.77
C SER E 200 -15.53 2.50 48.63
N LEU E 201 -16.63 2.09 48.00
CA LEU E 201 -17.17 2.84 46.88
C LEU E 201 -17.67 4.21 47.28
N GLY E 202 -18.13 4.39 48.52
CA GLY E 202 -18.53 5.73 48.92
C GLY E 202 -17.46 6.67 49.47
N THR E 203 -16.38 6.12 50.01
CA THR E 203 -15.48 6.94 50.83
C THR E 203 -14.18 7.33 50.15
N GLN E 204 -13.73 6.64 49.11
CA GLN E 204 -12.46 6.98 48.49
C GLN E 204 -12.67 7.29 47.03
N THR E 205 -12.18 8.45 46.58
CA THR E 205 -12.24 8.76 45.15
C THR E 205 -11.21 7.91 44.43
N TYR E 206 -11.45 7.71 43.15
CA TYR E 206 -10.52 6.97 42.31
C TYR E 206 -10.38 7.71 41.00
N ILE E 207 -9.14 8.01 40.62
CA ILE E 207 -8.85 8.78 39.42
C ILE E 207 -7.78 8.05 38.65
N CYS E 208 -8.08 7.71 37.40
CA CYS E 208 -7.05 7.18 36.53
C CYS E 208 -6.27 8.34 35.89
N ASN E 209 -4.94 8.25 35.91
CA ASN E 209 -4.03 9.25 35.35
C ASN E 209 -3.46 8.66 34.07
N VAL E 210 -3.75 9.29 32.93
CA VAL E 210 -3.34 8.81 31.60
C VAL E 210 -2.30 9.79 31.06
N ASN E 211 -1.13 9.29 30.72
CA ASN E 211 -0.08 10.16 30.22
C ASN E 211 0.35 9.65 28.85
N HIS E 212 0.31 10.53 27.85
CA HIS E 212 0.65 10.11 26.49
C HIS E 212 1.67 11.07 25.88
N LYS E 213 2.95 10.83 26.18
CA LYS E 213 3.96 11.83 25.87
C LYS E 213 3.95 12.26 24.41
N PRO E 214 3.86 11.35 23.41
CA PRO E 214 3.84 11.77 21.98
C PRO E 214 2.81 12.82 21.59
N SER E 215 1.60 12.79 22.11
CA SER E 215 0.67 13.87 21.82
C SER E 215 0.70 14.96 22.87
N ASN E 216 1.59 14.82 23.84
CA ASN E 216 1.77 15.74 24.97
C ASN E 216 0.41 16.05 25.60
N THR E 217 -0.23 14.98 26.03
CA THR E 217 -1.48 15.06 26.76
C THR E 217 -1.32 14.24 28.02
N LYS E 218 -1.75 14.84 29.12
CA LYS E 218 -1.90 14.19 30.41
C LYS E 218 -3.37 14.38 30.75
N VAL E 219 -4.01 13.29 31.14
CA VAL E 219 -5.45 13.28 31.38
C VAL E 219 -5.68 12.60 32.71
N ASP E 220 -6.59 13.16 33.51
CA ASP E 220 -7.09 12.54 34.73
C ASP E 220 -8.59 12.31 34.63
N LYS E 221 -9.03 11.07 34.85
CA LYS E 221 -10.45 10.76 34.90
C LYS E 221 -10.81 10.23 36.28
N LYS E 222 -11.73 10.92 36.96
CA LYS E 222 -12.37 10.38 38.15
C LYS E 222 -13.46 9.40 37.74
N VAL E 223 -13.34 8.18 38.22
CA VAL E 223 -14.29 7.13 37.91
C VAL E 223 -15.26 7.07 39.06
N GLU E 224 -16.54 7.30 38.78
CA GLU E 224 -17.47 7.33 39.88
C GLU E 224 -18.53 6.26 39.73
N PRO E 225 -19.03 5.71 40.84
CA PRO E 225 -20.05 4.68 40.77
C PRO E 225 -21.35 5.22 40.19
N LYS E 226 -22.14 4.31 39.63
CA LYS E 226 -23.50 4.60 39.18
C LYS E 226 -24.50 4.01 40.18
N SER E 227 -25.53 4.79 40.55
CA SER E 227 -26.36 4.50 41.71
C SER E 227 -27.81 4.25 41.30
N CYS E 228 -28.49 3.41 42.09
CA CYS E 228 -29.98 3.34 42.19
C CYS E 228 -30.46 2.25 43.18
N SER F 1 10.91 -23.97 -3.03
CA SER F 1 10.03 -23.99 -1.87
C SER F 1 10.86 -23.61 -0.65
N ASP F 2 10.21 -22.89 0.26
CA ASP F 2 10.80 -22.52 1.54
C ASP F 2 10.61 -23.62 2.57
N ILE F 3 11.63 -23.85 3.40
CA ILE F 3 11.50 -24.86 4.46
C ILE F 3 10.56 -24.36 5.54
N GLN F 4 9.68 -25.26 6.02
CA GLN F 4 8.80 -24.96 7.14
C GLN F 4 9.33 -25.51 8.46
N MET F 5 9.28 -24.65 9.49
CA MET F 5 9.57 -25.00 10.87
C MET F 5 8.34 -24.82 11.74
N THR F 6 7.86 -25.93 12.33
CA THR F 6 6.62 -25.95 13.11
C THR F 6 6.86 -26.60 14.47
N GLN F 7 6.54 -25.86 15.55
CA GLN F 7 6.76 -26.26 16.94
C GLN F 7 5.50 -26.74 17.62
N SER F 8 5.72 -27.52 18.68
CA SER F 8 4.69 -28.01 19.61
C SER F 8 5.37 -28.18 20.96
N PRO F 9 4.73 -27.70 22.04
CA PRO F 9 3.44 -27.01 22.12
C PRO F 9 3.41 -25.54 21.69
N SER F 10 2.24 -24.96 21.42
CA SER F 10 2.24 -23.53 21.13
C SER F 10 2.45 -22.75 22.41
N SER F 11 1.97 -23.31 23.52
CA SER F 11 2.32 -22.88 24.85
C SER F 11 2.32 -24.12 25.72
N LEU F 12 3.00 -24.05 26.85
CA LEU F 12 3.18 -25.21 27.69
C LEU F 12 3.12 -24.74 29.11
N SER F 13 2.29 -25.38 29.92
CA SER F 13 2.16 -25.03 31.33
C SER F 13 2.85 -26.10 32.16
N ALA F 14 3.95 -25.75 32.80
CA ALA F 14 4.70 -26.72 33.60
C ALA F 14 5.26 -26.02 34.84
N SER F 15 5.77 -26.84 35.78
CA SER F 15 6.26 -26.42 37.09
C SER F 15 7.74 -26.74 37.31
N VAL F 16 8.33 -26.07 38.30
CA VAL F 16 9.72 -26.29 38.66
C VAL F 16 9.99 -27.77 38.95
N GLY F 17 11.09 -28.26 38.41
CA GLY F 17 11.45 -29.66 38.43
C GLY F 17 10.92 -30.48 37.27
N ASP F 18 10.06 -29.90 36.44
CA ASP F 18 9.42 -30.67 35.38
C ASP F 18 10.43 -30.95 34.27
N ARG F 19 10.34 -32.15 33.73
CA ARG F 19 11.01 -32.45 32.48
C ARG F 19 10.13 -31.85 31.39
N VAL F 20 10.73 -31.00 30.56
CA VAL F 20 10.05 -30.30 29.48
C VAL F 20 10.72 -30.65 28.16
N THR F 21 9.93 -31.00 27.16
CA THR F 21 10.47 -31.32 25.83
C THR F 21 9.65 -30.59 24.78
N ILE F 22 10.29 -29.74 23.99
CA ILE F 22 9.62 -29.05 22.89
C ILE F 22 10.01 -29.69 21.57
N THR F 23 9.04 -29.96 20.71
CA THR F 23 9.42 -30.52 19.43
C THR F 23 9.10 -29.56 18.29
N CYS F 24 9.85 -29.75 17.20
CA CYS F 24 9.79 -28.93 16.01
C CYS F 24 10.14 -29.82 14.84
N ARG F 25 9.34 -29.73 13.78
CA ARG F 25 9.42 -30.65 12.65
C ARG F 25 9.60 -29.83 11.39
N ALA F 26 10.73 -30.03 10.70
CA ALA F 26 11.00 -29.34 9.44
C ALA F 26 10.26 -30.01 8.29
N SER F 27 9.76 -29.20 7.34
CA SER F 27 8.98 -29.71 6.20
C SER F 27 9.82 -30.37 5.11
N GLN F 28 11.14 -30.25 5.18
CA GLN F 28 12.09 -31.00 4.35
C GLN F 28 13.23 -31.41 5.27
N SER F 29 14.19 -32.18 4.75
CA SER F 29 15.40 -32.40 5.54
C SER F 29 16.10 -31.07 5.75
N VAL F 30 16.58 -30.87 6.97
CA VAL F 30 17.43 -29.71 7.27
C VAL F 30 18.71 -30.22 7.94
N SER F 31 18.96 -31.51 7.77
CA SER F 31 20.14 -32.20 8.32
C SER F 31 20.15 -31.88 9.81
N SER F 32 21.22 -31.33 10.37
CA SER F 32 21.23 -30.92 11.75
C SER F 32 21.32 -29.41 11.88
N ALA F 33 20.86 -28.68 10.86
CA ALA F 33 21.01 -27.23 10.82
C ALA F 33 19.86 -26.56 11.58
N VAL F 34 19.74 -26.94 12.85
CA VAL F 34 18.67 -26.49 13.71
C VAL F 34 19.29 -25.93 14.97
N ALA F 35 18.86 -24.72 15.34
CA ALA F 35 19.29 -24.01 16.54
C ALA F 35 18.08 -23.78 17.40
N TRP F 36 18.29 -23.69 18.73
CA TRP F 36 17.24 -23.25 19.65
C TRP F 36 17.62 -21.93 20.33
N TYR F 37 16.60 -21.10 20.61
CA TYR F 37 16.74 -19.81 21.27
C TYR F 37 15.70 -19.65 22.38
N GLN F 38 16.07 -18.91 23.41
CA GLN F 38 15.18 -18.52 24.48
C GLN F 38 14.93 -17.03 24.45
N GLN F 39 13.68 -16.62 24.45
CA GLN F 39 13.32 -15.20 24.51
C GLN F 39 12.39 -14.92 25.69
N LYS F 40 12.75 -13.89 26.51
CA LYS F 40 12.08 -13.26 27.66
C LYS F 40 11.50 -11.89 27.28
N PRO F 41 10.40 -11.47 27.93
CA PRO F 41 9.66 -10.28 27.48
C PRO F 41 10.47 -8.98 27.57
N GLY F 42 10.49 -8.24 26.45
CA GLY F 42 11.25 -7.01 26.32
C GLY F 42 12.71 -7.19 26.01
N LYS F 43 13.24 -8.40 26.15
CA LYS F 43 14.64 -8.68 25.94
C LYS F 43 14.84 -9.40 24.62
N ALA F 44 16.12 -9.51 24.20
CA ALA F 44 16.45 -10.14 22.94
C ALA F 44 16.71 -11.63 23.12
N PRO F 45 16.54 -12.41 22.06
CA PRO F 45 16.68 -13.87 22.17
C PRO F 45 18.09 -14.29 22.55
N LYS F 46 18.24 -15.54 22.97
CA LYS F 46 19.52 -16.03 23.45
C LYS F 46 19.78 -17.41 22.91
N LEU F 47 21.03 -17.68 22.48
CA LEU F 47 21.28 -18.96 21.84
C LEU F 47 21.33 -20.05 22.90
N LEU F 48 20.64 -21.14 22.64
CA LEU F 48 20.61 -22.29 23.54
C LEU F 48 21.35 -23.48 22.95
N ILE F 49 20.91 -23.95 21.77
CA ILE F 49 21.43 -25.13 21.09
C ILE F 49 21.74 -24.78 19.66
N TYR F 50 22.90 -25.23 19.17
CA TYR F 50 23.23 -25.10 17.77
C TYR F 50 23.51 -26.47 17.18
N SER F 51 23.40 -26.53 15.84
CA SER F 51 23.52 -27.78 15.13
C SER F 51 22.60 -28.83 15.77
N ALA F 52 21.46 -28.37 16.27
CA ALA F 52 20.29 -29.14 16.69
C ALA F 52 20.49 -30.00 17.92
N SER F 53 21.73 -30.22 18.33
CA SER F 53 21.96 -30.97 19.56
C SER F 53 23.19 -30.51 20.34
N SER F 54 23.90 -29.48 19.89
CA SER F 54 25.18 -29.10 20.49
C SER F 54 25.00 -27.99 21.53
N LEU F 55 25.38 -28.27 22.78
CA LEU F 55 25.19 -27.33 23.87
C LEU F 55 26.01 -26.07 23.66
N TYR F 56 25.33 -24.95 23.42
CA TYR F 56 26.06 -23.71 23.20
C TYR F 56 26.82 -23.33 24.46
N SER F 57 27.93 -22.64 24.25
CA SER F 57 28.82 -22.27 25.34
C SER F 57 28.08 -21.44 26.38
N GLY F 58 28.21 -21.85 27.65
CA GLY F 58 27.66 -21.16 28.80
C GLY F 58 26.21 -21.47 29.11
N VAL F 59 25.53 -22.23 28.26
CA VAL F 59 24.14 -22.60 28.55
C VAL F 59 24.17 -23.79 29.50
N PRO F 60 23.38 -23.79 30.56
CA PRO F 60 23.46 -24.91 31.53
C PRO F 60 23.21 -26.26 30.89
N SER F 61 23.81 -27.31 31.47
CA SER F 61 23.67 -28.67 30.94
C SER F 61 22.27 -29.28 31.13
N ARG F 62 21.38 -28.61 31.86
CA ARG F 62 20.02 -29.12 31.92
C ARG F 62 19.30 -28.99 30.59
N PHE F 63 19.83 -28.16 29.67
CA PHE F 63 19.38 -28.03 28.29
C PHE F 63 20.18 -28.97 27.39
N SER F 64 19.49 -29.59 26.43
CA SER F 64 20.17 -30.41 25.43
C SER F 64 19.29 -30.51 24.18
N GLY F 65 19.92 -30.74 23.04
CA GLY F 65 19.17 -30.77 21.79
C GLY F 65 19.23 -32.16 21.18
N SER F 66 18.29 -32.50 20.30
CA SER F 66 18.29 -33.86 19.85
C SER F 66 17.62 -33.89 18.49
N ARG F 67 18.09 -34.80 17.62
CA ARG F 67 17.58 -34.83 16.26
C ARG F 67 17.15 -36.23 15.89
N SER F 68 15.97 -36.33 15.27
CA SER F 68 15.53 -37.54 14.60
C SER F 68 14.82 -37.18 13.29
N GLY F 69 15.54 -37.30 12.18
CA GLY F 69 14.99 -36.91 10.91
C GLY F 69 14.67 -35.44 10.97
N THR F 70 13.43 -35.11 10.63
CA THR F 70 12.97 -33.73 10.63
C THR F 70 12.36 -33.29 11.96
N ASP F 71 12.28 -34.19 12.94
CA ASP F 71 11.73 -33.85 14.26
C ASP F 71 12.88 -33.46 15.17
N PHE F 72 12.88 -32.21 15.63
CA PHE F 72 13.93 -31.71 16.50
C PHE F 72 13.30 -31.35 17.83
N THR F 73 13.85 -31.94 18.89
CA THR F 73 13.31 -31.83 20.23
C THR F 73 14.34 -31.12 21.07
N LEU F 74 13.91 -30.03 21.68
CA LEU F 74 14.65 -29.36 22.74
C LEU F 74 14.12 -29.83 24.10
N THR F 75 15.01 -30.36 24.94
CA THR F 75 14.65 -30.82 26.28
C THR F 75 15.45 -30.09 27.34
N ILE F 76 14.75 -29.72 28.41
CA ILE F 76 15.31 -29.19 29.65
C ILE F 76 15.00 -30.19 30.74
N SER F 77 16.04 -30.80 31.29
CA SER F 77 15.82 -31.95 32.15
C SER F 77 14.99 -31.57 33.37
N SER F 78 15.28 -30.43 33.99
CA SER F 78 14.60 -30.12 35.24
C SER F 78 14.42 -28.60 35.31
N LEU F 79 13.20 -28.17 35.03
CA LEU F 79 12.92 -26.75 34.87
C LEU F 79 13.29 -26.00 36.13
N GLN F 80 13.95 -24.87 35.95
CA GLN F 80 14.32 -23.87 36.96
C GLN F 80 13.49 -22.62 36.81
N PRO F 81 13.42 -21.78 37.85
CA PRO F 81 12.48 -20.64 37.79
C PRO F 81 12.73 -19.64 36.67
N GLU F 82 13.98 -19.39 36.27
CA GLU F 82 14.29 -18.42 35.21
C GLU F 82 14.16 -18.99 33.82
N ASP F 83 13.62 -20.21 33.67
CA ASP F 83 13.40 -20.80 32.36
C ASP F 83 12.08 -20.38 31.72
N PHE F 84 11.15 -19.81 32.46
CA PHE F 84 9.85 -19.48 31.88
C PHE F 84 10.03 -18.37 30.86
N ALA F 85 9.85 -18.71 29.60
CA ALA F 85 10.21 -17.85 28.49
C ALA F 85 9.67 -18.52 27.24
N THR F 86 9.79 -17.83 26.13
CA THR F 86 9.34 -18.45 24.89
C THR F 86 10.57 -19.11 24.28
N TYR F 87 10.36 -20.18 23.52
CA TYR F 87 11.50 -20.83 22.89
C TYR F 87 11.31 -20.92 21.39
N TYR F 88 12.41 -20.88 20.67
CA TYR F 88 12.30 -20.89 19.23
C TYR F 88 13.20 -21.94 18.61
N CYS F 89 12.67 -22.65 17.62
CA CYS F 89 13.50 -23.38 16.69
C CYS F 89 13.70 -22.56 15.43
N GLN F 90 14.83 -22.82 14.79
CA GLN F 90 15.20 -22.20 13.55
C GLN F 90 15.92 -23.21 12.68
N GLN F 91 15.61 -23.20 11.38
CA GLN F 91 16.44 -23.88 10.38
C GLN F 91 17.33 -22.85 9.69
N SER F 92 18.63 -23.15 9.68
CA SER F 92 19.66 -22.42 8.94
C SER F 92 20.31 -23.35 7.93
N TYR F 93 19.55 -24.31 7.41
CA TYR F 93 20.06 -25.19 6.37
C TYR F 93 20.16 -24.45 5.05
N SER F 94 19.10 -23.77 4.65
CA SER F 94 19.10 -23.13 3.35
C SER F 94 18.40 -21.81 3.44
N PHE F 95 18.78 -20.91 2.58
CA PHE F 95 18.09 -19.64 2.59
C PHE F 95 16.82 -19.69 1.75
N PRO F 96 15.71 -19.01 2.18
CA PRO F 96 15.55 -18.17 3.38
C PRO F 96 15.51 -18.98 4.67
N SER F 97 15.90 -18.36 5.78
CA SER F 97 15.95 -19.06 7.04
C SER F 97 14.54 -19.18 7.62
N THR F 98 14.35 -20.13 8.54
CA THR F 98 13.01 -20.35 9.07
C THR F 98 13.10 -20.49 10.58
N PHE F 99 12.23 -19.78 11.30
CA PHE F 99 12.06 -19.94 12.73
C PHE F 99 10.78 -20.69 13.04
N GLY F 100 10.80 -21.40 14.17
CA GLY F 100 9.55 -21.92 14.69
C GLY F 100 8.62 -20.83 15.19
N GLN F 101 7.34 -21.18 15.29
CA GLN F 101 6.38 -20.17 15.68
C GLN F 101 6.47 -19.83 17.16
N GLY F 102 7.18 -20.63 17.93
CA GLY F 102 7.49 -20.28 19.31
C GLY F 102 6.65 -21.05 20.30
N THR F 103 7.30 -21.58 21.33
CA THR F 103 6.65 -22.39 22.35
C THR F 103 6.74 -21.64 23.65
N LYS F 104 5.63 -21.10 24.12
CA LYS F 104 5.66 -20.31 25.33
C LYS F 104 5.63 -21.20 26.55
N VAL F 105 6.48 -20.93 27.52
CA VAL F 105 6.50 -21.74 28.71
C VAL F 105 5.96 -20.89 29.86
N GLU F 106 4.79 -21.29 30.37
CA GLU F 106 3.97 -20.61 31.37
C GLU F 106 3.90 -21.44 32.64
N ILE F 107 3.51 -20.79 33.74
CA ILE F 107 3.52 -21.45 35.06
C ILE F 107 2.20 -22.17 35.31
N LYS F 108 2.30 -23.47 35.61
CA LYS F 108 1.14 -24.27 35.94
C LYS F 108 0.78 -24.03 37.40
N ARG F 109 -0.49 -23.76 37.64
CA ARG F 109 -1.02 -23.65 39.00
C ARG F 109 -2.42 -24.25 39.00
N THR F 110 -3.08 -24.15 40.15
CA THR F 110 -4.43 -24.65 40.27
C THR F 110 -5.42 -23.80 39.48
N VAL F 111 -6.50 -24.45 39.04
CA VAL F 111 -7.48 -23.76 38.23
C VAL F 111 -8.09 -22.66 39.08
N ALA F 112 -8.44 -21.55 38.45
CA ALA F 112 -9.13 -20.46 39.14
C ALA F 112 -10.28 -20.01 38.27
N ALA F 113 -11.43 -19.92 38.84
CA ALA F 113 -12.48 -19.51 37.92
C ALA F 113 -12.38 -18.00 37.73
N PRO F 114 -12.68 -17.50 36.54
CA PRO F 114 -12.66 -16.05 36.36
C PRO F 114 -13.79 -15.37 37.12
N SER F 115 -13.47 -14.27 37.81
CA SER F 115 -14.52 -13.33 38.22
C SER F 115 -14.72 -12.35 37.08
N VAL F 116 -15.93 -12.33 36.56
CA VAL F 116 -16.31 -11.69 35.31
C VAL F 116 -17.14 -10.47 35.64
N PHE F 117 -16.84 -9.36 35.00
CA PHE F 117 -17.57 -8.14 35.22
C PHE F 117 -17.89 -7.60 33.83
N ILE F 118 -18.93 -6.81 33.68
CA ILE F 118 -19.18 -6.17 32.38
C ILE F 118 -19.41 -4.68 32.62
N PHE F 119 -19.12 -3.87 31.59
CA PHE F 119 -19.20 -2.42 31.70
C PHE F 119 -19.95 -1.83 30.52
N PRO F 120 -21.12 -1.26 30.73
CA PRO F 120 -21.82 -0.56 29.64
C PRO F 120 -21.07 0.67 29.20
N PRO F 121 -21.36 1.19 28.00
CA PRO F 121 -20.64 2.38 27.50
C PRO F 121 -20.99 3.63 28.27
N SER F 122 -20.02 4.57 28.36
CA SER F 122 -20.20 5.77 29.17
C SER F 122 -21.21 6.76 28.58
N ASP F 123 -21.73 7.62 29.46
CA ASP F 123 -22.43 8.81 28.99
C ASP F 123 -21.50 9.73 28.21
N GLU F 124 -20.26 9.88 28.70
CA GLU F 124 -19.30 10.75 28.04
C GLU F 124 -19.00 10.28 26.62
N GLN F 125 -18.72 8.97 26.45
CA GLN F 125 -18.40 8.40 25.14
C GLN F 125 -19.59 8.46 24.19
N LEU F 126 -20.78 8.14 24.71
CA LEU F 126 -21.99 8.14 23.89
C LEU F 126 -22.28 9.51 23.32
N LYS F 127 -21.91 10.56 24.05
CA LYS F 127 -22.01 11.90 23.50
C LYS F 127 -21.13 12.03 22.26
N SER F 128 -20.03 11.27 22.21
CA SER F 128 -19.05 11.44 21.14
C SER F 128 -19.36 10.67 19.87
N GLY F 129 -20.37 9.79 19.88
CA GLY F 129 -20.74 9.05 18.69
C GLY F 129 -20.24 7.62 18.59
N THR F 130 -19.45 7.12 19.54
CA THR F 130 -18.99 5.73 19.55
C THR F 130 -19.46 5.08 20.86
N ALA F 131 -19.72 3.77 20.82
CA ALA F 131 -20.08 3.00 22.02
C ALA F 131 -19.21 1.74 22.12
N SER F 132 -18.53 1.59 23.25
CA SER F 132 -17.67 0.45 23.53
C SER F 132 -18.15 -0.24 24.79
N VAL F 133 -18.37 -1.56 24.73
CA VAL F 133 -18.87 -2.33 25.86
C VAL F 133 -17.82 -3.30 26.31
N VAL F 134 -17.38 -3.19 27.55
CA VAL F 134 -16.14 -3.82 27.96
C VAL F 134 -16.47 -5.01 28.85
N CYS F 135 -15.81 -6.13 28.62
CA CYS F 135 -15.96 -7.34 29.43
C CYS F 135 -14.61 -7.75 29.97
N LEU F 136 -14.51 -7.92 31.28
CA LEU F 136 -13.28 -8.26 31.97
C LEU F 136 -13.35 -9.63 32.61
N LEU F 137 -12.32 -10.43 32.44
CA LEU F 137 -12.22 -11.67 33.19
C LEU F 137 -11.01 -11.57 34.09
N ASN F 138 -11.22 -11.62 35.40
CA ASN F 138 -10.19 -11.17 36.32
C ASN F 138 -9.61 -12.33 37.09
N ASN F 139 -8.30 -12.50 36.98
CA ASN F 139 -7.51 -13.38 37.82
C ASN F 139 -7.96 -14.84 37.73
N PHE F 140 -7.84 -15.39 36.53
CA PHE F 140 -8.19 -16.78 36.28
C PHE F 140 -6.98 -17.56 35.78
N TYR F 141 -7.13 -18.89 35.75
CA TYR F 141 -6.17 -19.85 35.23
C TYR F 141 -6.93 -21.09 34.80
N PRO F 142 -6.56 -21.69 33.69
CA PRO F 142 -5.48 -21.28 32.78
C PRO F 142 -5.96 -20.17 31.88
N ARG F 143 -5.14 -19.81 30.88
CA ARG F 143 -5.47 -18.66 30.03
C ARG F 143 -6.67 -18.93 29.14
N GLU F 144 -6.88 -20.17 28.70
CA GLU F 144 -7.89 -20.45 27.69
C GLU F 144 -9.27 -20.07 28.18
N ALA F 145 -10.00 -19.31 27.35
CA ALA F 145 -11.27 -18.71 27.74
C ALA F 145 -11.99 -18.20 26.49
N LYS F 146 -13.24 -18.61 26.30
CA LYS F 146 -14.07 -18.10 25.22
C LYS F 146 -14.90 -16.91 25.71
N VAL F 147 -14.78 -15.78 25.02
CA VAL F 147 -15.63 -14.61 25.25
C VAL F 147 -16.55 -14.47 24.05
N GLN F 148 -17.85 -14.52 24.29
CA GLN F 148 -18.84 -14.50 23.23
C GLN F 148 -19.83 -13.39 23.51
N TRP F 149 -19.88 -12.40 22.62
CA TRP F 149 -20.79 -11.27 22.78
C TRP F 149 -22.12 -11.59 22.09
N LYS F 150 -23.22 -11.27 22.76
CA LYS F 150 -24.56 -11.40 22.20
C LYS F 150 -25.30 -10.09 22.39
N VAL F 151 -26.01 -9.64 21.35
CA VAL F 151 -26.80 -8.42 21.45
C VAL F 151 -28.26 -8.76 21.18
N ASP F 152 -29.07 -8.71 22.23
CA ASP F 152 -30.44 -9.17 22.19
C ASP F 152 -30.47 -10.62 21.72
N ASN F 153 -29.56 -11.41 22.31
CA ASN F 153 -29.41 -12.86 22.13
C ASN F 153 -28.81 -13.24 20.77
N ALA F 154 -28.57 -12.28 19.86
CA ALA F 154 -27.88 -12.55 18.60
C ALA F 154 -26.36 -12.59 18.84
N LEU F 155 -25.70 -13.70 18.46
CA LEU F 155 -24.26 -13.83 18.67
C LEU F 155 -23.44 -12.85 17.82
N GLN F 156 -22.43 -12.23 18.42
CA GLN F 156 -21.70 -11.15 17.79
C GLN F 156 -20.37 -11.68 17.28
N SER F 157 -19.96 -11.19 16.11
CA SER F 157 -18.68 -11.53 15.52
C SER F 157 -18.14 -10.37 14.71
N GLY F 158 -16.81 -10.26 14.64
CA GLY F 158 -16.23 -9.28 13.73
C GLY F 158 -16.32 -7.85 14.21
N ASN F 159 -16.72 -7.62 15.47
CA ASN F 159 -16.77 -6.29 16.09
C ASN F 159 -16.13 -6.26 17.48
N SER F 160 -15.33 -7.26 17.85
CA SER F 160 -14.76 -7.36 19.20
C SER F 160 -13.25 -7.51 19.16
N GLN F 161 -12.58 -7.03 20.20
CA GLN F 161 -11.13 -7.20 20.35
C GLN F 161 -10.75 -7.59 21.78
N GLU F 162 -9.73 -8.43 21.90
CA GLU F 162 -9.28 -8.90 23.19
C GLU F 162 -7.84 -8.51 23.47
N SER F 163 -7.56 -8.32 24.75
CA SER F 163 -6.22 -8.06 25.25
C SER F 163 -6.02 -8.80 26.57
N VAL F 164 -4.89 -9.43 26.76
CA VAL F 164 -4.65 -10.24 27.94
C VAL F 164 -3.38 -9.81 28.62
N THR F 165 -3.37 -9.86 29.94
CA THR F 165 -2.17 -9.56 30.70
C THR F 165 -1.25 -10.78 30.72
N GLU F 166 0.00 -10.52 31.07
CA GLU F 166 0.96 -11.58 31.27
C GLU F 166 0.70 -12.27 32.60
N GLN F 167 1.11 -13.53 32.68
CA GLN F 167 0.91 -14.31 33.88
C GLN F 167 1.37 -13.50 35.06
N ASP F 168 0.55 -13.43 36.10
CA ASP F 168 0.86 -12.54 37.21
C ASP F 168 2.10 -12.99 37.95
N SER F 169 2.82 -12.00 38.48
CA SER F 169 4.05 -12.25 39.20
C SER F 169 3.83 -12.93 40.54
N LYS F 170 2.59 -12.87 41.10
CA LYS F 170 2.30 -13.27 42.49
C LYS F 170 1.28 -14.39 42.63
N ASP F 171 0.16 -14.35 41.93
CA ASP F 171 -0.74 -15.50 41.89
C ASP F 171 -0.72 -16.21 40.55
N SER F 172 0.16 -15.78 39.63
CA SER F 172 0.32 -16.34 38.29
C SER F 172 -1.05 -16.57 37.66
N THR F 173 -1.90 -15.57 37.79
CA THR F 173 -3.17 -15.53 37.10
C THR F 173 -3.13 -14.53 35.97
N TYR F 174 -4.14 -14.62 35.12
CA TYR F 174 -4.25 -13.79 33.94
C TYR F 174 -5.53 -12.99 34.05
N SER F 175 -5.66 -12.02 33.17
CA SER F 175 -6.84 -11.18 33.07
C SER F 175 -7.07 -10.96 31.60
N LEU F 176 -8.31 -10.86 31.17
CA LEU F 176 -8.56 -10.71 29.76
C LEU F 176 -9.41 -9.48 29.59
N SER F 177 -9.43 -8.88 28.41
CA SER F 177 -10.29 -7.72 28.21
C SER F 177 -10.89 -7.76 26.81
N SER F 178 -12.19 -8.05 26.76
CA SER F 178 -12.96 -8.02 25.52
C SER F 178 -13.74 -6.73 25.40
N THR F 179 -13.63 -6.09 24.26
CA THR F 179 -14.36 -4.86 24.04
C THR F 179 -15.19 -5.03 22.77
N LEU F 180 -16.48 -4.83 22.90
CA LEU F 180 -17.39 -4.76 21.78
C LEU F 180 -17.49 -3.28 21.40
N THR F 181 -17.35 -2.99 20.11
CA THR F 181 -17.48 -1.61 19.61
C THR F 181 -18.73 -1.54 18.73
N LEU F 182 -19.53 -0.50 18.94
CA LEU F 182 -20.68 -0.20 18.09
C LEU F 182 -20.73 1.29 17.83
N SER F 183 -21.38 1.69 16.75
CA SER F 183 -21.77 3.08 16.58
C SER F 183 -22.89 3.41 17.56
N LYS F 184 -22.97 4.69 17.96
CA LYS F 184 -24.05 5.11 18.85
C LYS F 184 -25.41 4.74 18.26
N ALA F 185 -25.54 4.82 16.92
CA ALA F 185 -26.79 4.42 16.26
C ALA F 185 -27.09 2.93 16.49
N ASP F 186 -26.10 2.06 16.28
CA ASP F 186 -26.29 0.63 16.51
C ASP F 186 -26.57 0.33 17.97
N TYR F 187 -25.96 1.09 18.88
CA TYR F 187 -26.16 0.78 20.29
C TYR F 187 -27.62 1.03 20.70
N GLU F 188 -28.21 2.15 20.26
CA GLU F 188 -29.56 2.47 20.71
C GLU F 188 -30.63 1.60 20.05
N LYS F 189 -30.25 0.81 19.05
CA LYS F 189 -31.17 -0.10 18.38
C LYS F 189 -31.41 -1.38 19.15
N HIS F 190 -30.83 -1.56 20.34
CA HIS F 190 -30.97 -2.80 21.08
C HIS F 190 -31.10 -2.53 22.58
N LYS F 191 -31.44 -3.59 23.33
CA LYS F 191 -31.75 -3.52 24.75
C LYS F 191 -30.79 -4.33 25.60
N VAL F 192 -30.54 -5.59 25.24
CA VAL F 192 -29.85 -6.55 26.10
C VAL F 192 -28.47 -6.83 25.52
N TYR F 193 -27.41 -6.39 26.21
CA TYR F 193 -26.03 -6.64 25.83
C TYR F 193 -25.39 -7.60 26.83
N ALA F 194 -24.80 -8.68 26.33
CA ALA F 194 -24.33 -9.72 27.23
C ALA F 194 -22.94 -10.18 26.81
N CYS F 195 -22.16 -10.55 27.82
CA CYS F 195 -20.84 -11.16 27.66
C CYS F 195 -20.90 -12.56 28.24
N GLU F 196 -20.62 -13.58 27.41
CA GLU F 196 -20.64 -14.99 27.84
C GLU F 196 -19.25 -15.61 27.91
N VAL F 197 -18.90 -16.08 29.10
CA VAL F 197 -17.55 -16.50 29.47
C VAL F 197 -17.50 -18.01 29.70
N THR F 198 -16.64 -18.70 28.97
CA THR F 198 -16.56 -20.14 28.99
C THR F 198 -15.20 -20.53 29.52
N HIS F 199 -15.14 -21.29 30.62
CA HIS F 199 -13.86 -21.54 31.25
C HIS F 199 -13.84 -22.85 32.02
N GLN F 200 -12.62 -23.34 32.25
CA GLN F 200 -12.40 -24.61 32.93
C GLN F 200 -12.80 -24.57 34.39
N GLY F 201 -12.53 -23.45 35.08
CA GLY F 201 -12.90 -23.33 36.47
C GLY F 201 -14.37 -23.09 36.71
N LEU F 202 -15.12 -22.85 35.64
CA LEU F 202 -16.56 -22.66 35.74
C LEU F 202 -17.28 -23.93 35.38
N SER F 203 -18.25 -24.30 36.22
CA SER F 203 -19.11 -25.44 35.94
C SER F 203 -19.81 -25.27 34.61
N SER F 204 -20.34 -24.08 34.34
CA SER F 204 -21.06 -23.75 33.13
C SER F 204 -20.74 -22.32 32.71
N PRO F 205 -20.93 -21.99 31.43
CA PRO F 205 -20.66 -20.62 30.98
C PRO F 205 -21.34 -19.58 31.83
N VAL F 206 -20.57 -18.69 32.38
CA VAL F 206 -21.08 -17.62 33.21
C VAL F 206 -21.38 -16.44 32.29
N THR F 207 -22.44 -15.71 32.56
CA THR F 207 -22.78 -14.58 31.73
C THR F 207 -23.01 -13.35 32.60
N LYS F 208 -22.52 -12.22 32.12
CA LYS F 208 -22.77 -10.92 32.71
C LYS F 208 -23.44 -10.02 31.66
N SER F 209 -24.52 -9.34 32.06
CA SER F 209 -25.36 -8.63 31.11
C SER F 209 -25.89 -7.32 31.69
N PHE F 210 -26.40 -6.47 30.80
CA PHE F 210 -27.14 -5.30 31.22
C PHE F 210 -28.17 -4.91 30.16
N ASN F 211 -29.21 -4.21 30.58
CA ASN F 211 -30.25 -3.73 29.68
C ASN F 211 -30.07 -2.24 29.48
N ARG F 212 -29.79 -1.83 28.26
CA ARG F 212 -29.53 -0.44 27.94
C ARG F 212 -30.61 0.45 28.53
N GLY F 213 -30.22 1.35 29.42
CA GLY F 213 -31.14 2.21 30.13
C GLY F 213 -31.64 1.64 31.44
N GLU F 214 -30.73 1.13 32.27
CA GLU F 214 -31.07 0.58 33.58
C GLU F 214 -30.32 1.31 34.70
N CYS F 215 -31.01 1.52 35.81
CA CYS F 215 -30.41 2.21 36.95
C CYS F 215 -29.75 1.21 37.89
#